data_4CMC
#
_entry.id   4CMC
#
_cell.length_a   74.192
_cell.length_b   89.474
_cell.length_c   84.391
_cell.angle_alpha   90.00
_cell.angle_beta   115.55
_cell.angle_gamma   90.00
#
_symmetry.space_group_name_H-M   'P 1 21 1'
#
loop_
_entity.id
_entity.type
_entity.pdbx_description
1 polymer 'PTERIDINE REDUCTASE 1'
2 non-polymer 'NADP NICOTINAMIDE-ADENINE-DINUCLEOTIDE PHOSPHATE'
3 non-polymer N4-cyclohexyl-5,6-diphenyl-7H-pyrrolo[2,3-d]pyrimidine-2,4-diamine
4 water water
#
_entity_poly.entity_id   1
_entity_poly.type   'polypeptide(L)'
_entity_poly.pdbx_seq_one_letter_code
;MGSSHHHHHHSSGLVPRGSHMEAPAAVVTGAAKRIGRAIAVKLHQTGYRVVIHYHNSAEAAVSLADELNKERSNTAVVCQ
ADLTNSNVLPASCEEIINSCFRAFGRCDVLVNNASAFYPTPLVQGDHEDNSNGKTVETQVAELIGTNAIAPFLLTMSFAQ
RQKGTNPNCTSSNLSIVNLCDAMVDQPCMAFSLYNMGKHALVGLTQSAALELAPYGIRVNGVAPGVSLLPVAMGEEEKDK
WRRKVPLGRREASAEQIADAVIFLVSGSAQYITGSIIKVDGGLSLVHA
;
_entity_poly.pdbx_strand_id   A,B,C,D
#
loop_
_chem_comp.id
_chem_comp.type
_chem_comp.name
_chem_comp.formula
NAP non-polymer 'NADP NICOTINAMIDE-ADENINE-DINUCLEOTIDE PHOSPHATE' 'C21 H28 N7 O17 P3'
VS8 non-polymer N4-cyclohexyl-5,6-diphenyl-7H-pyrrolo[2,3-d]pyrimidine-2,4-diamine 'C24 H25 N5'
#
# COMPACT_ATOMS: atom_id res chain seq x y z
N GLU A 22 -24.97 -30.71 12.44
CA GLU A 22 -24.13 -31.32 11.35
C GLU A 22 -22.91 -30.44 11.09
N ALA A 23 -21.74 -31.05 11.06
CA ALA A 23 -20.48 -30.30 11.02
C ALA A 23 -20.22 -29.63 9.65
N PRO A 24 -19.66 -28.40 9.68
CA PRO A 24 -19.34 -27.76 8.39
C PRO A 24 -18.14 -28.48 7.79
N ALA A 25 -17.89 -28.27 6.49
CA ALA A 25 -16.77 -28.92 5.78
C ALA A 25 -15.80 -27.89 5.18
N ALA A 26 -14.52 -28.20 5.21
CA ALA A 26 -13.48 -27.32 4.65
C ALA A 26 -12.54 -28.06 3.72
N VAL A 27 -12.21 -27.41 2.60
CA VAL A 27 -11.13 -27.85 1.70
C VAL A 27 -9.85 -27.07 2.01
N VAL A 28 -8.78 -27.80 2.30
CA VAL A 28 -7.45 -27.25 2.48
C VAL A 28 -6.53 -27.80 1.38
N THR A 29 -6.09 -26.92 0.49
CA THR A 29 -5.07 -27.31 -0.50
C THR A 29 -3.69 -27.46 0.09
N GLY A 30 -2.95 -28.49 -0.38
CA GLY A 30 -1.61 -28.75 0.05
C GLY A 30 -1.47 -28.96 1.54
N ALA A 31 -2.35 -29.80 2.08
CA ALA A 31 -2.58 -29.95 3.52
C ALA A 31 -1.90 -31.19 4.09
N ALA A 32 -1.10 -31.90 3.29
CA ALA A 32 -0.45 -33.10 3.81
C ALA A 32 0.59 -32.77 4.88
N LYS A 33 1.20 -31.60 4.77
CA LYS A 33 2.32 -31.21 5.61
C LYS A 33 2.32 -29.73 6.00
N ARG A 34 3.21 -29.42 6.94
CA ARG A 34 3.66 -28.08 7.25
C ARG A 34 2.46 -27.18 7.58
N ILE A 35 2.36 -26.01 6.95
CA ILE A 35 1.28 -25.06 7.29
C ILE A 35 -0.11 -25.52 6.89
N GLY A 36 -0.25 -26.19 5.73
CA GLY A 36 -1.52 -26.68 5.33
C GLY A 36 -2.09 -27.73 6.29
N ARG A 37 -1.24 -28.60 6.79
CA ARG A 37 -1.65 -29.62 7.76
C ARG A 37 -2.08 -28.99 9.08
N ALA A 38 -1.30 -28.03 9.56
CA ALA A 38 -1.65 -27.30 10.76
C ALA A 38 -3.01 -26.64 10.68
N ILE A 39 -3.33 -26.09 9.51
CA ILE A 39 -4.65 -25.52 9.27
C ILE A 39 -5.75 -26.57 9.26
N ALA A 40 -5.49 -27.69 8.58
CA ALA A 40 -6.51 -28.75 8.51
C ALA A 40 -6.83 -29.27 9.91
N VAL A 41 -5.79 -29.41 10.71
CA VAL A 41 -5.92 -29.97 12.05
C VAL A 41 -6.74 -29.04 12.93
N LYS A 42 -6.39 -27.75 12.87
CA LYS A 42 -7.10 -26.79 13.66
C LYS A 42 -8.56 -26.65 13.25
N LEU A 43 -8.85 -26.65 11.94
CA LEU A 43 -10.24 -26.63 11.53
C LEU A 43 -11.01 -27.85 12.06
N HIS A 44 -10.37 -29.00 11.99
CA HIS A 44 -10.98 -30.26 12.39
C HIS A 44 -11.30 -30.26 13.89
N GLN A 45 -10.36 -29.80 14.71
CA GLN A 45 -10.59 -29.59 16.14
C GLN A 45 -11.65 -28.56 16.42
N THR A 46 -11.76 -27.53 15.59
CA THR A 46 -12.81 -26.55 15.77
C THR A 46 -14.14 -27.16 15.40
N GLY A 47 -14.15 -28.40 14.87
CA GLY A 47 -15.39 -29.08 14.50
C GLY A 47 -15.61 -29.37 13.02
N TYR A 48 -14.70 -28.91 12.16
CA TYR A 48 -14.91 -29.10 10.72
C TYR A 48 -14.60 -30.51 10.24
N ARG A 49 -15.28 -30.91 9.18
CA ARG A 49 -14.83 -32.07 8.40
C ARG A 49 -13.93 -31.51 7.32
N VAL A 50 -12.87 -32.25 6.98
CA VAL A 50 -11.82 -31.70 6.11
C VAL A 50 -11.51 -32.57 4.86
N VAL A 51 -11.31 -31.88 3.74
CA VAL A 51 -10.67 -32.46 2.57
C VAL A 51 -9.23 -32.02 2.60
N ILE A 52 -8.35 -33.00 2.78
CA ILE A 52 -6.94 -32.85 2.72
C ILE A 52 -6.49 -33.02 1.24
N HIS A 53 -6.22 -31.92 0.54
CA HIS A 53 -5.70 -32.01 -0.81
C HIS A 53 -4.19 -32.13 -0.72
N TYR A 54 -3.60 -32.86 -1.68
CA TYR A 54 -2.20 -33.03 -1.77
C TYR A 54 -1.89 -33.31 -3.24
N HIS A 55 -0.62 -33.21 -3.57
CA HIS A 55 -0.15 -33.45 -4.93
C HIS A 55 0.76 -34.68 -4.88
N ASN A 56 1.98 -34.58 -4.33
CA ASN A 56 2.90 -35.73 -4.26
C ASN A 56 2.90 -36.50 -2.93
N SER A 57 2.48 -35.86 -1.84
CA SER A 57 2.71 -36.40 -0.50
C SER A 57 1.56 -37.32 -0.12
N ALA A 58 1.48 -38.46 -0.81
CA ALA A 58 0.32 -39.32 -0.65
C ALA A 58 0.28 -39.94 0.74
N GLU A 59 1.42 -40.43 1.18
CA GLU A 59 1.52 -41.11 2.45
C GLU A 59 1.21 -40.16 3.59
N ALA A 60 1.76 -38.96 3.52
CA ALA A 60 1.55 -37.97 4.59
C ALA A 60 0.07 -37.58 4.65
N ALA A 61 -0.58 -37.42 3.51
CA ALA A 61 -1.99 -37.08 3.48
C ALA A 61 -2.89 -38.16 4.08
N VAL A 62 -2.63 -39.41 3.72
CA VAL A 62 -3.53 -40.51 4.10
C VAL A 62 -3.41 -40.73 5.59
N SER A 63 -2.19 -40.55 6.08
CA SER A 63 -1.86 -40.68 7.46
C SER A 63 -2.56 -39.63 8.30
N LEU A 64 -2.52 -38.38 7.83
CA LEU A 64 -3.28 -37.32 8.49
C LEU A 64 -4.77 -37.64 8.50
N ALA A 65 -5.32 -38.11 7.40
CA ALA A 65 -6.75 -38.36 7.36
C ALA A 65 -7.06 -39.47 8.32
N ASP A 66 -6.07 -40.34 8.56
CA ASP A 66 -6.22 -41.53 9.43
C ASP A 66 -6.45 -41.10 10.85
N GLU A 67 -5.46 -40.40 11.37
CA GLU A 67 -5.58 -39.69 12.64
C GLU A 67 -6.91 -38.97 12.83
N LEU A 68 -7.31 -38.16 11.87
CA LEU A 68 -8.45 -37.29 12.10
C LEU A 68 -9.73 -38.11 12.17
N ASN A 69 -9.79 -39.18 11.38
CA ASN A 69 -10.88 -40.14 11.46
C ASN A 69 -10.91 -40.99 12.75
N LYS A 70 -9.74 -41.25 13.34
CA LYS A 70 -9.71 -41.93 14.63
C LYS A 70 -10.33 -41.00 15.65
N GLU A 71 -9.99 -39.72 15.54
CA GLU A 71 -10.57 -38.69 16.40
C GLU A 71 -12.09 -38.62 16.22
N ARG A 72 -12.56 -38.59 14.97
CA ARG A 72 -13.99 -38.60 14.66
C ARG A 72 -14.16 -39.26 13.31
N SER A 73 -15.01 -40.28 13.25
CA SER A 73 -15.01 -41.14 12.10
C SER A 73 -15.74 -40.42 11.00
N ASN A 74 -15.27 -40.65 9.77
CA ASN A 74 -15.89 -40.10 8.59
C ASN A 74 -15.92 -38.55 8.59
N THR A 75 -14.87 -37.95 9.15
CA THR A 75 -14.67 -36.48 9.12
C THR A 75 -13.45 -35.99 8.33
N ALA A 76 -12.74 -36.89 7.66
CA ALA A 76 -11.69 -36.49 6.73
C ALA A 76 -11.60 -37.42 5.53
N VAL A 77 -11.20 -36.85 4.38
CA VAL A 77 -10.82 -37.59 3.17
C VAL A 77 -9.64 -36.85 2.53
N VAL A 78 -8.82 -37.58 1.78
CA VAL A 78 -7.77 -36.98 0.95
C VAL A 78 -8.31 -36.78 -0.46
N CYS A 79 -7.61 -35.92 -1.22
CA CYS A 79 -7.95 -35.63 -2.60
C CYS A 79 -6.71 -35.21 -3.36
N GLN A 80 -6.37 -35.98 -4.38
CA GLN A 80 -5.10 -35.78 -5.11
C GLN A 80 -5.36 -34.92 -6.34
N ALA A 81 -4.52 -33.90 -6.50
CA ALA A 81 -4.54 -33.09 -7.70
C ALA A 81 -3.23 -32.32 -7.89
N ASP A 82 -2.76 -32.28 -9.13
CA ASP A 82 -1.80 -31.31 -9.58
C ASP A 82 -2.48 -29.95 -9.77
N LEU A 83 -1.84 -28.88 -9.26
CA LEU A 83 -2.42 -27.51 -9.41
C LEU A 83 -1.60 -26.58 -10.33
N THR A 84 -0.63 -27.17 -10.99
CA THR A 84 0.03 -26.57 -12.13
C THR A 84 -0.96 -26.07 -13.16
N ASN A 85 -0.71 -24.89 -13.72
CA ASN A 85 -1.58 -24.42 -14.77
C ASN A 85 -1.56 -25.32 -16.06
N SER A 86 -2.73 -25.56 -16.61
CA SER A 86 -2.92 -26.32 -17.86
C SER A 86 -4.39 -26.15 -18.27
N ASN A 87 -4.74 -26.71 -19.41
CA ASN A 87 -6.10 -26.60 -19.92
C ASN A 87 -7.11 -27.45 -19.12
N VAL A 88 -6.63 -28.37 -18.34
CA VAL A 88 -7.53 -29.19 -17.52
C VAL A 88 -7.57 -28.72 -16.05
N LEU A 89 -6.72 -27.77 -15.69
CA LEU A 89 -6.77 -27.22 -14.35
C LEU A 89 -8.18 -26.84 -13.92
N PRO A 90 -9.00 -26.21 -14.79
CA PRO A 90 -10.34 -25.88 -14.31
C PRO A 90 -11.17 -27.11 -13.87
N ALA A 91 -11.07 -28.17 -14.62
CA ALA A 91 -11.71 -29.44 -14.24
C ALA A 91 -11.16 -30.06 -12.97
N SER A 92 -9.85 -30.00 -12.79
CA SER A 92 -9.22 -30.47 -11.57
C SER A 92 -9.68 -29.68 -10.32
N CYS A 93 -9.79 -28.36 -10.45
CA CYS A 93 -10.28 -27.52 -9.34
C CYS A 93 -11.76 -27.81 -9.06
N GLU A 94 -12.56 -27.97 -10.11
CA GLU A 94 -13.95 -28.32 -9.93
C GLU A 94 -14.08 -29.68 -9.20
N GLU A 95 -13.15 -30.60 -9.49
CA GLU A 95 -13.23 -31.95 -8.90
C GLU A 95 -12.81 -31.94 -7.43
N ILE A 96 -11.85 -31.06 -7.08
CA ILE A 96 -11.53 -30.81 -5.69
C ILE A 96 -12.77 -30.36 -4.91
N ILE A 97 -13.50 -29.35 -5.41
CA ILE A 97 -14.64 -28.88 -4.67
C ILE A 97 -15.70 -29.99 -4.68
N ASN A 98 -15.91 -30.61 -5.83
CA ASN A 98 -16.82 -31.75 -5.94
C ASN A 98 -16.53 -32.81 -4.92
N SER A 99 -15.25 -33.03 -4.61
CA SER A 99 -14.86 -34.09 -3.67
C SER A 99 -15.27 -33.80 -2.22
N CYS A 100 -15.37 -32.52 -1.87
CA CYS A 100 -15.92 -32.15 -0.57
C CYS A 100 -17.42 -32.44 -0.50
N PHE A 101 -18.17 -32.07 -1.54
CA PHE A 101 -19.61 -32.32 -1.55
C PHE A 101 -19.90 -33.83 -1.58
N ARG A 102 -19.04 -34.60 -2.24
CA ARG A 102 -19.18 -36.05 -2.31
C ARG A 102 -18.98 -36.66 -0.94
N ALA A 103 -17.90 -36.29 -0.26
CA ALA A 103 -17.67 -36.81 1.07
C ALA A 103 -18.67 -36.25 2.09
N PHE A 104 -18.99 -34.95 2.03
CA PHE A 104 -19.63 -34.32 3.20
C PHE A 104 -20.96 -33.63 2.97
N GLY A 105 -21.39 -33.51 1.72
CA GLY A 105 -22.69 -32.91 1.39
C GLY A 105 -22.69 -31.39 1.33
N ARG A 106 -21.54 -30.79 1.61
CA ARG A 106 -21.44 -29.34 1.70
C ARG A 106 -19.99 -28.93 1.67
N CYS A 107 -19.77 -27.66 1.39
CA CYS A 107 -18.45 -27.08 1.40
C CYS A 107 -18.57 -25.59 1.91
N ASP A 108 -18.08 -25.36 3.12
CA ASP A 108 -18.25 -24.09 3.85
C ASP A 108 -17.03 -23.18 3.73
N VAL A 109 -15.83 -23.80 3.77
CA VAL A 109 -14.58 -23.12 3.79
C VAL A 109 -13.60 -23.66 2.74
N LEU A 110 -12.93 -22.74 2.06
CA LEU A 110 -11.85 -23.12 1.17
C LEU A 110 -10.57 -22.42 1.64
N VAL A 111 -9.48 -23.17 1.87
CA VAL A 111 -8.22 -22.53 2.17
C VAL A 111 -7.22 -22.80 1.01
N ASN A 112 -6.77 -21.75 0.33
CA ASN A 112 -5.84 -21.88 -0.78
C ASN A 112 -4.44 -21.74 -0.21
N ASN A 113 -3.83 -22.89 0.08
CA ASN A 113 -2.54 -22.96 0.74
C ASN A 113 -1.45 -23.56 -0.12
N ALA A 114 -1.80 -24.49 -1.01
CA ALA A 114 -0.79 -25.12 -1.86
C ALA A 114 0.01 -24.08 -2.67
N SER A 115 1.32 -24.27 -2.76
CA SER A 115 2.15 -23.30 -3.41
C SER A 115 3.49 -23.82 -3.83
N ALA A 116 3.82 -23.66 -5.12
CA ALA A 116 5.22 -23.80 -5.60
C ALA A 116 6.04 -22.58 -5.27
N PHE A 117 7.31 -22.82 -4.91
CA PHE A 117 8.21 -21.78 -4.49
C PHE A 117 9.64 -22.18 -4.89
N TYR A 118 10.22 -21.49 -5.87
CA TYR A 118 11.63 -21.67 -6.19
C TYR A 118 12.07 -20.47 -7.06
N PRO A 119 13.40 -20.22 -7.14
CA PRO A 119 13.83 -19.09 -7.97
C PRO A 119 13.61 -19.31 -9.46
N THR A 120 13.32 -18.20 -10.16
CA THR A 120 13.23 -18.13 -11.63
C THR A 120 13.94 -16.88 -12.12
N PRO A 121 15.29 -16.92 -12.17
CA PRO A 121 16.12 -15.76 -12.54
C PRO A 121 15.80 -15.22 -13.92
N LEU A 122 15.85 -13.90 -14.03
CA LEU A 122 15.56 -13.21 -15.28
C LEU A 122 16.73 -13.33 -16.28
N VAL A 123 17.95 -13.39 -15.77
CA VAL A 123 19.14 -13.53 -16.62
C VAL A 123 19.85 -14.85 -16.31
N GLN A 124 20.31 -15.54 -17.34
CA GLN A 124 21.02 -16.82 -17.20
C GLN A 124 22.31 -16.78 -17.99
N GLY A 133 16.59 -28.22 -14.51
CA GLY A 133 15.82 -29.00 -15.46
C GLY A 133 14.70 -28.20 -16.14
N LYS A 134 13.91 -27.47 -15.35
CA LYS A 134 12.60 -26.96 -15.80
C LYS A 134 12.62 -25.89 -16.89
N THR A 135 11.77 -26.08 -17.87
CA THR A 135 11.57 -25.06 -18.90
C THR A 135 10.87 -23.85 -18.28
N VAL A 136 11.03 -22.69 -18.92
CA VAL A 136 10.37 -21.49 -18.40
C VAL A 136 8.86 -21.65 -18.48
N GLU A 137 8.37 -22.36 -19.50
CA GLU A 137 6.93 -22.69 -19.60
C GLU A 137 6.44 -23.44 -18.38
N THR A 138 7.24 -24.42 -17.94
CA THR A 138 6.91 -25.21 -16.74
C THR A 138 6.95 -24.31 -15.51
N GLN A 139 7.95 -23.47 -15.41
CA GLN A 139 8.06 -22.51 -14.29
C GLN A 139 6.81 -21.61 -14.17
N VAL A 140 6.38 -21.03 -15.28
CA VAL A 140 5.20 -20.18 -15.31
C VAL A 140 3.99 -21.02 -14.85
N ALA A 141 3.79 -22.17 -15.47
CA ALA A 141 2.67 -23.02 -15.16
C ALA A 141 2.60 -23.37 -13.65
N GLU A 142 3.71 -23.75 -13.05
CA GLU A 142 3.71 -24.20 -11.65
C GLU A 142 3.58 -23.01 -10.69
N LEU A 143 4.38 -21.99 -10.91
CA LEU A 143 4.40 -20.82 -10.00
C LEU A 143 3.18 -19.98 -10.08
N ILE A 144 2.69 -19.69 -11.28
CA ILE A 144 1.49 -18.89 -11.45
C ILE A 144 0.24 -19.76 -11.28
N GLY A 145 0.32 -21.03 -11.68
CA GLY A 145 -0.78 -21.95 -11.45
C GLY A 145 -1.12 -22.17 -9.99
N THR A 146 -0.13 -22.58 -9.20
CA THR A 146 -0.40 -22.92 -7.80
C THR A 146 -0.72 -21.70 -6.95
N ASN A 147 0.03 -20.64 -7.12
CA ASN A 147 -0.18 -19.43 -6.33
C ASN A 147 -1.35 -18.53 -6.71
N ALA A 148 -1.84 -18.63 -7.94
CA ALA A 148 -2.88 -17.71 -8.39
C ALA A 148 -4.02 -18.31 -9.22
N ILE A 149 -3.70 -19.01 -10.31
CA ILE A 149 -4.79 -19.49 -11.16
C ILE A 149 -5.63 -20.59 -10.50
N ALA A 150 -5.00 -21.55 -9.86
CA ALA A 150 -5.77 -22.57 -9.14
C ALA A 150 -6.63 -21.96 -8.01
N PRO A 151 -6.07 -21.06 -7.21
CA PRO A 151 -6.94 -20.36 -6.28
C PRO A 151 -8.15 -19.68 -6.94
N PHE A 152 -7.96 -19.04 -8.10
CA PHE A 152 -9.06 -18.43 -8.83
C PHE A 152 -10.09 -19.51 -9.27
N LEU A 153 -9.60 -20.60 -9.81
CA LEU A 153 -10.53 -21.65 -10.30
C LEU A 153 -11.22 -22.37 -9.14
N LEU A 154 -10.52 -22.62 -8.06
CA LEU A 154 -11.19 -23.16 -6.85
C LEU A 154 -12.23 -22.19 -6.27
N THR A 155 -11.95 -20.90 -6.38
CA THR A 155 -12.91 -19.92 -5.88
C THR A 155 -14.18 -19.96 -6.73
N MET A 156 -14.02 -20.04 -8.06
CA MET A 156 -15.16 -20.12 -8.98
C MET A 156 -16.00 -21.33 -8.59
N SER A 157 -15.34 -22.48 -8.47
CA SER A 157 -16.06 -23.74 -8.28
C SER A 157 -16.69 -23.75 -6.92
N PHE A 158 -16.01 -23.15 -5.97
CA PHE A 158 -16.55 -23.00 -4.62
C PHE A 158 -17.85 -22.20 -4.65
N ALA A 159 -17.84 -21.06 -5.33
CA ALA A 159 -19.02 -20.21 -5.37
C ALA A 159 -20.13 -20.87 -6.19
N GLN A 160 -19.75 -21.47 -7.29
CA GLN A 160 -20.73 -22.06 -8.20
C GLN A 160 -21.50 -23.19 -7.56
N ARG A 161 -20.83 -24.01 -6.77
CA ARG A 161 -21.47 -25.19 -6.24
C ARG A 161 -22.29 -24.95 -4.99
N GLN A 162 -22.50 -23.70 -4.58
CA GLN A 162 -23.36 -23.46 -3.43
C GLN A 162 -24.82 -23.57 -3.84
N SER A 171 -27.71 -20.43 9.97
CA SER A 171 -27.16 -21.28 8.92
C SER A 171 -25.70 -20.86 8.58
N SER A 172 -25.45 -20.33 7.38
CA SER A 172 -24.10 -20.37 6.79
C SER A 172 -23.07 -19.31 7.27
N ASN A 173 -21.83 -19.76 7.36
CA ASN A 173 -20.66 -18.90 7.51
C ASN A 173 -19.61 -19.41 6.51
N LEU A 174 -19.86 -19.07 5.25
CA LEU A 174 -19.03 -19.43 4.10
C LEU A 174 -17.84 -18.47 3.97
N SER A 175 -16.64 -19.01 3.85
CA SER A 175 -15.53 -18.15 3.45
C SER A 175 -14.32 -18.86 2.85
N ILE A 176 -13.43 -18.00 2.30
CA ILE A 176 -12.20 -18.42 1.64
C ILE A 176 -11.06 -17.67 2.31
N VAL A 177 -9.99 -18.41 2.58
CA VAL A 177 -8.76 -17.85 3.05
C VAL A 177 -7.64 -18.20 2.08
N ASN A 178 -6.96 -17.16 1.61
CA ASN A 178 -5.75 -17.30 0.81
C ASN A 178 -4.44 -17.10 1.55
N LEU A 179 -3.52 -18.03 1.36
CA LEU A 179 -2.23 -17.91 1.98
C LEU A 179 -1.34 -17.03 1.10
N CYS A 180 -1.11 -15.82 1.57
CA CYS A 180 -0.43 -14.78 0.82
C CYS A 180 1.02 -14.74 1.29
N ASP A 181 1.66 -13.58 1.27
CA ASP A 181 3.03 -13.46 1.68
C ASP A 181 3.31 -12.06 2.16
N ALA A 182 3.80 -11.92 3.39
CA ALA A 182 3.94 -10.59 4.01
C ALA A 182 5.02 -9.76 3.32
N MET A 183 5.98 -10.44 2.67
CA MET A 183 7.13 -9.80 2.03
C MET A 183 6.89 -9.54 0.53
N VAL A 184 5.64 -9.56 0.11
CA VAL A 184 5.29 -9.39 -1.30
C VAL A 184 5.84 -8.09 -1.92
N ASP A 185 6.01 -7.03 -1.13
CA ASP A 185 6.59 -5.78 -1.66
C ASP A 185 8.09 -5.56 -1.38
N GLN A 186 8.73 -6.55 -0.75
CA GLN A 186 10.18 -6.59 -0.64
C GLN A 186 10.60 -7.99 -1.09
N PRO A 187 10.52 -8.26 -2.39
CA PRO A 187 10.65 -9.61 -2.89
C PRO A 187 12.07 -10.21 -2.77
N CYS A 188 12.15 -11.53 -2.69
CA CYS A 188 13.43 -12.22 -2.72
C CYS A 188 14.06 -12.10 -4.11
N MET A 189 15.35 -11.87 -4.17
CA MET A 189 16.08 -11.79 -5.42
C MET A 189 15.84 -13.04 -6.23
N ALA A 190 15.51 -12.84 -7.50
CA ALA A 190 15.35 -13.85 -8.53
C ALA A 190 14.09 -14.72 -8.35
N PHE A 191 13.11 -14.27 -7.55
CA PHE A 191 11.84 -14.96 -7.40
C PHE A 191 10.67 -14.24 -8.11
N SER A 192 10.92 -13.65 -9.28
N SER A 192 10.91 -13.66 -9.28
CA SER A 192 9.89 -12.90 -10.03
CA SER A 192 9.85 -12.85 -9.95
C SER A 192 8.54 -13.63 -10.17
C SER A 192 8.53 -13.61 -10.19
N LEU A 193 8.57 -14.84 -10.68
CA LEU A 193 7.32 -15.58 -10.97
C LEU A 193 6.58 -15.93 -9.70
N TYR A 194 7.33 -16.37 -8.68
CA TYR A 194 6.70 -16.57 -7.36
C TYR A 194 6.05 -15.27 -6.86
N ASN A 195 6.77 -14.16 -6.93
CA ASN A 195 6.23 -12.90 -6.43
C ASN A 195 4.97 -12.43 -7.26
N MET A 196 5.00 -12.65 -8.56
CA MET A 196 3.87 -12.28 -9.42
C MET A 196 2.64 -13.09 -9.02
N GLY A 197 2.87 -14.37 -8.77
CA GLY A 197 1.82 -15.22 -8.28
C GLY A 197 1.17 -14.76 -7.02
N LYS A 198 1.99 -14.44 -6.02
CA LYS A 198 1.47 -13.97 -4.77
C LYS A 198 0.78 -12.58 -4.91
N HIS A 199 1.29 -11.73 -5.77
CA HIS A 199 0.64 -10.45 -6.02
C HIS A 199 -0.72 -10.66 -6.65
N ALA A 200 -0.77 -11.60 -7.62
CA ALA A 200 -2.04 -11.94 -8.27
C ALA A 200 -3.05 -12.49 -7.22
N LEU A 201 -2.56 -13.25 -6.25
CA LEU A 201 -3.40 -13.74 -5.16
C LEU A 201 -4.03 -12.64 -4.30
N VAL A 202 -3.26 -11.57 -4.05
CA VAL A 202 -3.78 -10.41 -3.38
C VAL A 202 -4.93 -9.85 -4.24
N GLY A 203 -4.70 -9.73 -5.55
CA GLY A 203 -5.73 -9.21 -6.46
C GLY A 203 -6.99 -10.06 -6.45
N LEU A 204 -6.80 -11.37 -6.49
CA LEU A 204 -7.92 -12.31 -6.37
C LEU A 204 -8.65 -12.14 -5.05
N THR A 205 -7.91 -12.01 -3.95
CA THR A 205 -8.56 -11.87 -2.63
C THR A 205 -9.53 -10.69 -2.64
N GLN A 206 -9.06 -9.56 -3.14
CA GLN A 206 -9.85 -8.34 -3.23
C GLN A 206 -11.00 -8.46 -4.23
N SER A 207 -10.71 -8.97 -5.42
CA SER A 207 -11.69 -9.09 -6.47
C SER A 207 -12.81 -10.05 -6.06
N ALA A 208 -12.42 -11.19 -5.52
CA ALA A 208 -13.44 -12.16 -5.04
C ALA A 208 -14.19 -11.66 -3.79
N ALA A 209 -13.52 -10.94 -2.89
CA ALA A 209 -14.25 -10.39 -1.73
C ALA A 209 -15.43 -9.56 -2.20
N LEU A 210 -15.13 -8.69 -3.14
CA LEU A 210 -16.06 -7.73 -3.72
C LEU A 210 -17.23 -8.49 -4.40
N GLU A 211 -16.88 -9.43 -5.27
CA GLU A 211 -17.85 -10.04 -6.14
C GLU A 211 -18.72 -11.10 -5.44
N LEU A 212 -18.17 -11.78 -4.44
CA LEU A 212 -18.86 -12.82 -3.70
C LEU A 212 -19.51 -12.33 -2.41
N ALA A 213 -19.31 -11.06 -2.08
CA ALA A 213 -20.00 -10.48 -0.92
C ALA A 213 -21.54 -10.64 -0.98
N PRO A 214 -22.17 -10.35 -2.13
CA PRO A 214 -23.62 -10.53 -2.26
C PRO A 214 -24.11 -11.97 -2.02
N TYR A 215 -23.22 -12.96 -2.14
CA TYR A 215 -23.54 -14.34 -1.88
C TYR A 215 -23.27 -14.76 -0.45
N GLY A 216 -22.80 -13.82 0.39
CA GLY A 216 -22.46 -14.19 1.75
C GLY A 216 -21.13 -14.91 1.88
N ILE A 217 -20.30 -14.84 0.85
CA ILE A 217 -19.01 -15.51 0.90
C ILE A 217 -17.92 -14.46 1.17
N ARG A 218 -17.27 -14.61 2.30
CA ARG A 218 -16.18 -13.72 2.70
C ARG A 218 -14.85 -14.30 2.15
N VAL A 219 -13.95 -13.42 1.70
CA VAL A 219 -12.67 -13.83 1.10
C VAL A 219 -11.54 -13.01 1.73
N ASN A 220 -10.62 -13.67 2.40
CA ASN A 220 -9.58 -12.97 3.15
C ASN A 220 -8.26 -13.68 2.96
N GLY A 221 -7.19 -13.06 3.42
CA GLY A 221 -5.85 -13.62 3.37
C GLY A 221 -5.13 -13.64 4.71
N VAL A 222 -4.17 -14.56 4.77
CA VAL A 222 -3.18 -14.64 5.83
C VAL A 222 -1.82 -14.60 5.17
N ALA A 223 -0.98 -13.70 5.63
CA ALA A 223 0.28 -13.41 5.04
C ALA A 223 1.45 -13.69 6.01
N PRO A 224 2.01 -14.92 5.94
CA PRO A 224 3.12 -15.24 6.81
C PRO A 224 4.34 -14.45 6.37
N GLY A 225 5.27 -14.21 7.28
N GLY A 225 5.17 -14.10 7.33
CA GLY A 225 6.60 -13.68 6.92
CA GLY A 225 6.56 -13.81 7.07
C GLY A 225 7.55 -14.85 6.70
C GLY A 225 7.19 -15.19 7.12
N VAL A 226 8.28 -15.23 7.73
N VAL A 226 8.42 -15.25 7.61
CA VAL A 226 9.02 -16.48 7.68
CA VAL A 226 9.11 -16.51 7.76
C VAL A 226 8.43 -17.40 8.76
C VAL A 226 8.40 -17.40 8.77
N SER A 227 8.19 -18.65 8.35
CA SER A 227 7.50 -19.64 9.15
C SER A 227 8.12 -21.01 8.84
N LEU A 228 8.31 -21.87 9.85
CA LEU A 228 8.63 -23.27 9.60
C LEU A 228 9.87 -23.46 8.68
N LEU A 229 11.07 -23.23 9.20
CA LEU A 229 12.26 -23.37 8.35
C LEU A 229 12.53 -24.85 8.03
N PRO A 230 12.91 -25.16 6.78
CA PRO A 230 13.22 -26.58 6.49
C PRO A 230 14.21 -27.17 7.52
N VAL A 231 13.87 -28.36 8.01
CA VAL A 231 14.66 -29.02 9.06
C VAL A 231 16.12 -29.08 8.63
N ALA A 232 16.36 -29.39 7.36
CA ALA A 232 17.70 -29.37 6.78
C ALA A 232 17.98 -28.15 5.89
N MET A 233 17.73 -26.95 6.42
CA MET A 233 18.36 -25.74 5.92
C MET A 233 19.56 -25.55 6.88
N GLY A 234 20.62 -24.91 6.41
CA GLY A 234 21.84 -24.73 7.21
C GLY A 234 21.62 -23.99 8.53
N GLU A 235 22.17 -24.53 9.62
CA GLU A 235 22.15 -23.87 10.95
C GLU A 235 22.47 -22.37 10.84
N GLU A 236 23.37 -22.01 9.92
CA GLU A 236 23.69 -20.60 9.68
C GLU A 236 22.55 -19.89 8.92
N GLU A 237 21.99 -20.54 7.90
CA GLU A 237 20.97 -19.92 7.08
C GLU A 237 19.66 -19.69 7.86
N LYS A 238 19.27 -20.66 8.69
CA LYS A 238 18.09 -20.53 9.56
C LYS A 238 18.29 -19.40 10.53
N ASP A 239 19.46 -19.35 11.15
CA ASP A 239 19.73 -18.32 12.13
C ASP A 239 19.74 -16.93 11.48
N LYS A 240 20.20 -16.86 10.23
CA LYS A 240 20.17 -15.61 9.49
C LYS A 240 18.70 -15.10 9.37
N TRP A 241 17.78 -15.98 9.00
CA TRP A 241 16.34 -15.64 8.93
C TRP A 241 15.75 -15.32 10.30
N ARG A 242 16.07 -16.13 11.30
CA ARG A 242 15.54 -15.92 12.64
C ARG A 242 15.94 -14.59 13.23
N ARG A 243 17.19 -14.19 13.03
CA ARG A 243 17.69 -12.93 13.57
C ARG A 243 17.04 -11.70 12.95
N LYS A 244 16.41 -11.85 11.80
CA LYS A 244 15.79 -10.69 11.13
C LYS A 244 14.47 -10.28 11.79
N VAL A 245 13.84 -11.22 12.48
CA VAL A 245 12.48 -11.06 12.99
C VAL A 245 12.41 -10.27 14.30
N PRO A 246 11.79 -9.07 14.28
CA PRO A 246 11.72 -8.27 15.52
C PRO A 246 11.12 -8.95 16.73
N LEU A 247 10.01 -9.63 16.53
CA LEU A 247 9.27 -10.23 17.60
C LEU A 247 9.80 -11.65 17.90
N GLY A 248 10.76 -11.73 18.78
CA GLY A 248 11.25 -13.04 19.25
C GLY A 248 12.37 -13.64 18.44
N ARG A 249 12.81 -12.98 17.36
CA ARG A 249 13.89 -13.51 16.56
C ARG A 249 13.68 -14.98 16.24
N ARG A 250 12.46 -15.34 15.83
CA ARG A 250 12.17 -16.70 15.41
C ARG A 250 11.10 -16.64 14.37
N GLU A 251 11.06 -17.67 13.54
CA GLU A 251 10.00 -17.89 12.57
C GLU A 251 8.68 -18.20 13.24
N ALA A 252 7.57 -17.98 12.53
CA ALA A 252 6.29 -18.37 13.07
C ALA A 252 6.18 -19.90 13.06
N SER A 253 5.45 -20.44 14.03
CA SER A 253 5.06 -21.83 14.03
C SER A 253 3.89 -22.00 13.05
N ALA A 254 3.68 -23.22 12.58
CA ALA A 254 2.55 -23.51 11.75
C ALA A 254 1.28 -23.23 12.48
N GLU A 255 1.28 -23.48 13.80
CA GLU A 255 0.07 -23.23 14.59
C GLU A 255 -0.33 -21.74 14.56
N GLN A 256 0.67 -20.89 14.61
CA GLN A 256 0.44 -19.44 14.64
C GLN A 256 -0.17 -18.92 13.36
N ILE A 257 0.26 -19.47 12.23
CA ILE A 257 -0.38 -19.13 10.98
C ILE A 257 -1.80 -19.64 11.01
N ALA A 258 -1.99 -20.91 11.43
CA ALA A 258 -3.32 -21.52 11.47
C ALA A 258 -4.29 -20.79 12.35
N ASP A 259 -3.77 -20.22 13.45
CA ASP A 259 -4.59 -19.44 14.39
C ASP A 259 -5.28 -18.31 13.65
N ALA A 260 -4.56 -17.66 12.75
CA ALA A 260 -5.13 -16.52 12.03
C ALA A 260 -6.18 -16.95 11.02
N VAL A 261 -5.94 -18.10 10.37
CA VAL A 261 -6.94 -18.71 9.49
C VAL A 261 -8.25 -18.98 10.25
N ILE A 262 -8.11 -19.59 11.44
CA ILE A 262 -9.22 -19.99 12.31
C ILE A 262 -10.04 -18.75 12.71
N PHE A 263 -9.35 -17.67 13.05
CA PHE A 263 -10.04 -16.42 13.35
C PHE A 263 -10.87 -15.96 12.15
N LEU A 264 -10.25 -15.92 10.95
CA LEU A 264 -10.95 -15.40 9.79
C LEU A 264 -12.15 -16.24 9.37
N VAL A 265 -12.09 -17.55 9.62
CA VAL A 265 -13.25 -18.39 9.27
C VAL A 265 -14.37 -18.26 10.32
N SER A 266 -13.99 -17.96 11.56
CA SER A 266 -14.94 -17.89 12.69
C SER A 266 -15.96 -16.74 12.61
N GLY A 267 -17.00 -16.87 13.44
CA GLY A 267 -18.04 -15.83 13.57
C GLY A 267 -17.49 -14.56 14.19
N SER A 268 -16.28 -14.61 14.78
CA SER A 268 -15.65 -13.38 15.30
C SER A 268 -15.13 -12.48 14.17
N ALA A 269 -15.26 -12.94 12.92
CA ALA A 269 -14.80 -12.24 11.74
C ALA A 269 -15.92 -12.07 10.71
N GLN A 270 -17.17 -12.06 11.18
CA GLN A 270 -18.37 -12.00 10.34
C GLN A 270 -18.46 -10.81 9.44
N TYR A 271 -17.82 -9.69 9.78
CA TYR A 271 -17.86 -8.53 8.93
C TYR A 271 -16.54 -8.33 8.16
N ILE A 272 -15.57 -9.24 8.29
CA ILE A 272 -14.27 -9.06 7.69
C ILE A 272 -14.25 -9.73 6.32
N THR A 273 -14.02 -8.97 5.26
CA THR A 273 -13.83 -9.54 3.93
C THR A 273 -12.90 -8.59 3.15
N GLY A 274 -12.03 -9.21 2.35
CA GLY A 274 -11.02 -8.53 1.62
C GLY A 274 -9.84 -8.05 2.46
N SER A 275 -9.67 -8.59 3.67
CA SER A 275 -8.57 -8.26 4.56
C SER A 275 -7.48 -9.30 4.47
N ILE A 276 -6.25 -8.83 4.45
CA ILE A 276 -5.07 -9.73 4.51
C ILE A 276 -4.33 -9.43 5.78
N ILE A 277 -4.32 -10.41 6.68
CA ILE A 277 -3.66 -10.28 8.00
C ILE A 277 -2.25 -10.76 7.88
N LYS A 278 -1.28 -9.86 8.05
CA LYS A 278 0.10 -10.28 8.22
C LYS A 278 0.27 -11.01 9.54
N VAL A 279 1.02 -12.11 9.48
CA VAL A 279 1.48 -12.89 10.68
C VAL A 279 2.99 -13.04 10.52
N ASP A 280 3.72 -11.98 10.79
CA ASP A 280 5.14 -11.90 10.39
C ASP A 280 6.11 -11.43 11.50
N GLY A 281 5.63 -11.26 12.72
CA GLY A 281 6.55 -10.85 13.82
C GLY A 281 7.21 -9.53 13.55
N GLY A 282 6.63 -8.71 12.66
CA GLY A 282 7.19 -7.40 12.32
C GLY A 282 8.23 -7.40 11.20
N LEU A 283 8.51 -8.58 10.64
CA LEU A 283 9.56 -8.76 9.65
C LEU A 283 9.44 -7.80 8.47
N SER A 284 8.22 -7.61 7.96
CA SER A 284 8.01 -6.70 6.82
C SER A 284 8.28 -5.23 7.10
N LEU A 285 8.42 -4.86 8.37
CA LEU A 285 8.66 -3.48 8.73
C LEU A 285 10.12 -3.12 8.78
N VAL A 286 11.00 -4.11 8.65
CA VAL A 286 12.41 -3.95 8.91
C VAL A 286 13.11 -3.53 7.61
N HIS A 287 13.70 -2.35 7.58
CA HIS A 287 14.44 -1.91 6.38
C HIS A 287 15.72 -2.72 6.21
N ALA A 288 16.30 -2.66 5.02
CA ALA A 288 17.51 -3.42 4.80
C ALA A 288 18.66 -2.67 5.38
N GLU B 22 -3.52 -13.98 38.40
CA GLU B 22 -4.14 -12.64 38.57
C GLU B 22 -4.61 -12.08 37.21
N ALA B 23 -5.67 -11.27 37.23
CA ALA B 23 -6.30 -10.80 36.00
C ALA B 23 -5.46 -9.70 35.32
N PRO B 24 -5.35 -9.75 33.97
CA PRO B 24 -4.66 -8.68 33.26
C PRO B 24 -5.48 -7.41 33.32
N ALA B 25 -4.90 -6.26 32.93
CA ALA B 25 -5.62 -4.98 32.92
C ALA B 25 -5.42 -4.22 31.59
N ALA B 26 -6.45 -3.47 31.17
CA ALA B 26 -6.43 -2.72 29.92
C ALA B 26 -6.91 -1.27 30.09
N VAL B 27 -6.27 -0.36 29.38
CA VAL B 27 -6.78 0.99 29.22
C VAL B 27 -7.51 1.08 27.86
N VAL B 28 -8.76 1.55 27.86
CA VAL B 28 -9.48 1.92 26.64
C VAL B 28 -9.78 3.44 26.61
N THR B 29 -9.25 4.14 25.62
CA THR B 29 -9.54 5.55 25.55
C THR B 29 -10.88 5.74 24.87
N GLY B 30 -11.66 6.73 25.31
CA GLY B 30 -12.91 7.05 24.67
C GLY B 30 -13.89 5.91 24.81
N ALA B 31 -13.90 5.30 26.00
CA ALA B 31 -14.60 4.03 26.26
C ALA B 31 -16.02 4.17 26.79
N ALA B 32 -16.50 5.40 26.87
CA ALA B 32 -17.86 5.63 27.47
C ALA B 32 -19.02 5.18 26.60
N LYS B 33 -18.83 5.24 25.30
CA LYS B 33 -19.92 5.12 24.35
C LYS B 33 -19.45 4.31 23.15
N ARG B 34 -20.40 3.81 22.36
CA ARG B 34 -20.14 3.31 20.99
C ARG B 34 -19.05 2.21 20.97
N ILE B 35 -18.08 2.34 20.05
CA ILE B 35 -17.10 1.32 19.82
C ILE B 35 -16.18 1.15 21.03
N GLY B 36 -15.72 2.26 21.61
CA GLY B 36 -14.91 2.21 22.78
C GLY B 36 -15.56 1.40 23.92
N ARG B 37 -16.84 1.63 24.12
CA ARG B 37 -17.58 0.93 25.15
C ARG B 37 -17.70 -0.56 24.84
N ALA B 38 -18.00 -0.92 23.60
CA ALA B 38 -18.09 -2.35 23.25
C ALA B 38 -16.75 -3.03 23.45
N ILE B 39 -15.65 -2.31 23.17
CA ILE B 39 -14.32 -2.87 23.36
C ILE B 39 -14.06 -3.10 24.87
N ALA B 40 -14.34 -2.10 25.71
CA ALA B 40 -14.15 -2.28 27.17
C ALA B 40 -15.01 -3.42 27.70
N VAL B 41 -16.24 -3.53 27.21
CA VAL B 41 -17.15 -4.58 27.70
C VAL B 41 -16.62 -5.95 27.35
N LYS B 42 -16.12 -6.13 26.12
CA LYS B 42 -15.65 -7.44 25.72
C LYS B 42 -14.37 -7.78 26.45
N LEU B 43 -13.50 -6.79 26.61
CA LEU B 43 -12.28 -7.03 27.30
C LEU B 43 -12.62 -7.48 28.73
N HIS B 44 -13.58 -6.78 29.34
CA HIS B 44 -13.97 -7.13 30.70
C HIS B 44 -14.57 -8.53 30.77
N GLN B 45 -15.46 -8.84 29.84
CA GLN B 45 -16.03 -10.19 29.68
C GLN B 45 -14.99 -11.29 29.45
N THR B 46 -13.82 -10.96 28.89
CA THR B 46 -12.74 -11.93 28.67
C THR B 46 -11.92 -12.11 29.93
N GLY B 47 -12.13 -11.24 30.94
CA GLY B 47 -11.45 -11.39 32.23
C GLY B 47 -10.56 -10.23 32.61
N TYR B 48 -10.58 -9.19 31.79
CA TYR B 48 -9.73 -8.02 32.04
C TYR B 48 -10.40 -7.08 33.00
N ARG B 49 -9.57 -6.42 33.81
CA ARG B 49 -9.99 -5.22 34.50
C ARG B 49 -9.73 -4.04 33.58
N VAL B 50 -10.52 -2.98 33.66
CA VAL B 50 -10.47 -1.92 32.64
C VAL B 50 -10.45 -0.50 33.23
N VAL B 51 -9.63 0.36 32.63
CA VAL B 51 -9.73 1.82 32.79
C VAL B 51 -10.53 2.33 31.63
N ILE B 52 -11.69 2.91 31.99
CA ILE B 52 -12.61 3.55 31.09
C ILE B 52 -12.21 5.03 30.98
N HIS B 53 -11.43 5.37 29.96
CA HIS B 53 -11.08 6.80 29.79
C HIS B 53 -12.25 7.47 29.09
N TYR B 54 -12.47 8.75 29.37
CA TYR B 54 -13.53 9.54 28.73
C TYR B 54 -13.19 11.03 28.75
N HIS B 55 -13.91 11.84 28.00
CA HIS B 55 -13.66 13.25 28.02
C HIS B 55 -14.88 14.02 28.54
N ASN B 56 -15.92 14.11 27.75
CA ASN B 56 -17.17 14.75 28.09
C ASN B 56 -18.28 13.80 28.56
N SER B 57 -18.18 12.51 28.26
CA SER B 57 -19.32 11.60 28.49
C SER B 57 -19.28 11.00 29.88
N ALA B 58 -19.40 11.88 30.85
CA ALA B 58 -19.15 11.55 32.25
C ALA B 58 -20.20 10.57 32.82
N GLU B 59 -21.47 10.84 32.54
CA GLU B 59 -22.54 9.92 32.96
C GLU B 59 -22.38 8.51 32.37
N ALA B 60 -22.12 8.42 31.05
CA ALA B 60 -21.96 7.10 30.41
C ALA B 60 -20.77 6.33 30.99
N ALA B 61 -19.66 7.03 31.22
CA ALA B 61 -18.47 6.38 31.73
C ALA B 61 -18.64 5.80 33.14
N VAL B 62 -19.16 6.64 34.04
CA VAL B 62 -19.40 6.24 35.41
C VAL B 62 -20.41 5.10 35.48
N SER B 63 -21.50 5.20 34.73
CA SER B 63 -22.50 4.13 34.70
C SER B 63 -21.96 2.84 34.09
N LEU B 64 -21.08 2.96 33.08
CA LEU B 64 -20.43 1.75 32.52
C LEU B 64 -19.58 1.11 33.60
N ALA B 65 -18.75 1.91 34.27
CA ALA B 65 -17.86 1.36 35.28
C ALA B 65 -18.69 0.67 36.41
N ASP B 66 -19.83 1.28 36.73
CA ASP B 66 -20.76 0.71 37.76
C ASP B 66 -21.33 -0.66 37.31
N GLU B 67 -21.78 -0.73 36.06
CA GLU B 67 -22.30 -1.96 35.46
C GLU B 67 -21.24 -3.07 35.52
N LEU B 68 -19.99 -2.75 35.16
CA LEU B 68 -18.91 -3.70 35.22
C LEU B 68 -18.49 -4.12 36.62
N ASN B 69 -18.33 -3.16 37.55
CA ASN B 69 -18.06 -3.48 38.96
C ASN B 69 -19.18 -4.28 39.65
N LYS B 70 -20.43 -4.01 39.31
CA LYS B 70 -21.51 -4.86 39.75
C LYS B 70 -21.30 -6.31 39.34
N GLU B 71 -20.75 -6.53 38.15
CA GLU B 71 -20.44 -7.85 37.64
C GLU B 71 -19.24 -8.51 38.37
N ARG B 72 -18.15 -7.75 38.54
CA ARG B 72 -16.98 -8.19 39.30
C ARG B 72 -16.39 -7.04 40.09
N SER B 73 -16.32 -7.17 41.41
CA SER B 73 -15.87 -6.04 42.26
C SER B 73 -14.53 -5.42 41.88
N ASN B 74 -14.51 -4.08 41.81
CA ASN B 74 -13.33 -3.24 41.56
C ASN B 74 -12.49 -3.78 40.38
N THR B 75 -13.19 -4.12 39.31
CA THR B 75 -12.52 -4.45 38.06
C THR B 75 -12.64 -3.34 37.02
N ALA B 76 -13.27 -2.21 37.39
CA ALA B 76 -13.35 -1.03 36.50
C ALA B 76 -13.14 0.26 37.26
N VAL B 77 -12.45 1.21 36.62
CA VAL B 77 -12.26 2.60 37.13
C VAL B 77 -12.42 3.55 35.95
N VAL B 78 -12.80 4.79 36.24
CA VAL B 78 -12.92 5.80 35.17
C VAL B 78 -11.74 6.76 35.24
N CYS B 79 -11.45 7.39 34.11
CA CYS B 79 -10.35 8.36 34.04
C CYS B 79 -10.62 9.40 32.98
N GLN B 80 -10.81 10.63 33.43
CA GLN B 80 -11.22 11.72 32.56
C GLN B 80 -9.96 12.42 32.08
N ALA B 81 -9.92 12.69 30.76
CA ALA B 81 -8.83 13.47 30.20
C ALA B 81 -9.13 13.94 28.77
N ASP B 82 -8.86 15.23 28.55
CA ASP B 82 -8.84 15.82 27.23
C ASP B 82 -7.56 15.36 26.55
N LEU B 83 -7.67 14.82 25.33
CA LEU B 83 -6.47 14.32 24.62
C LEU B 83 -6.11 15.21 23.43
N THR B 84 -6.63 16.43 23.44
CA THR B 84 -6.13 17.48 22.58
C THR B 84 -4.66 17.73 22.80
N ASN B 85 -3.95 18.02 21.72
CA ASN B 85 -2.56 18.34 21.84
C ASN B 85 -2.35 19.63 22.63
N SER B 86 -1.43 19.61 23.58
CA SER B 86 -1.10 20.82 24.34
C SER B 86 0.18 20.53 25.12
N ASN B 87 0.74 21.56 25.75
CA ASN B 87 1.80 21.38 26.73
C ASN B 87 1.48 20.38 27.87
N VAL B 88 0.22 20.19 28.22
CA VAL B 88 -0.12 19.27 29.34
C VAL B 88 -0.45 17.83 28.89
N LEU B 89 -0.44 17.57 27.59
CA LEU B 89 -0.93 16.22 27.13
C LEU B 89 -0.01 15.10 27.60
N PRO B 90 1.33 15.29 27.55
CA PRO B 90 2.23 14.24 28.01
C PRO B 90 1.99 13.82 29.45
N ALA B 91 1.86 14.81 30.34
CA ALA B 91 1.44 14.49 31.71
C ALA B 91 0.06 13.80 31.83
N SER B 92 -0.94 14.24 31.07
CA SER B 92 -2.30 13.63 31.07
C SER B 92 -2.26 12.17 30.64
N CYS B 93 -1.50 11.91 29.58
CA CYS B 93 -1.35 10.52 29.14
C CYS B 93 -0.60 9.64 30.14
N GLU B 94 0.45 10.20 30.75
CA GLU B 94 1.15 9.49 31.79
C GLU B 94 0.18 9.20 32.94
N GLU B 95 -0.75 10.12 33.22
CA GLU B 95 -1.68 9.89 34.34
C GLU B 95 -2.75 8.86 34.01
N ILE B 96 -3.09 8.73 32.74
CA ILE B 96 -4.05 7.71 32.36
C ILE B 96 -3.43 6.34 32.60
N ILE B 97 -2.19 6.14 32.11
CA ILE B 97 -1.47 4.92 32.36
C ILE B 97 -1.28 4.72 33.89
N ASN B 98 -0.82 5.76 34.61
CA ASN B 98 -0.66 5.63 36.07
C ASN B 98 -1.96 5.16 36.75
N SER B 99 -3.09 5.64 36.26
CA SER B 99 -4.37 5.24 36.85
C SER B 99 -4.63 3.74 36.76
N CYS B 100 -4.11 3.12 35.69
CA CYS B 100 -4.24 1.66 35.56
C CYS B 100 -3.40 0.92 36.60
N PHE B 101 -2.17 1.37 36.76
CA PHE B 101 -1.31 0.80 37.82
C PHE B 101 -1.90 1.07 39.23
N ARG B 102 -2.39 2.28 39.45
CA ARG B 102 -2.98 2.61 40.75
C ARG B 102 -4.14 1.67 41.08
N ALA B 103 -5.01 1.41 40.11
CA ALA B 103 -6.19 0.58 40.32
C ALA B 103 -5.88 -0.87 40.34
N PHE B 104 -4.96 -1.30 39.48
CA PHE B 104 -4.83 -2.73 39.19
C PHE B 104 -3.44 -3.27 39.30
N GLY B 105 -2.44 -2.40 39.45
CA GLY B 105 -1.09 -2.84 39.73
C GLY B 105 -0.36 -3.37 38.50
N ARG B 106 -0.97 -3.18 37.33
CA ARG B 106 -0.40 -3.65 36.05
C ARG B 106 -1.17 -3.01 34.88
N CYS B 107 -0.56 -3.01 33.69
CA CYS B 107 -1.24 -2.51 32.48
C CYS B 107 -0.73 -3.36 31.32
N ASP B 108 -1.57 -4.26 30.84
CA ASP B 108 -1.21 -5.27 29.86
C ASP B 108 -1.62 -4.88 28.45
N VAL B 109 -2.75 -4.16 28.32
CA VAL B 109 -3.28 -3.73 27.03
C VAL B 109 -3.59 -2.21 27.04
N LEU B 110 -3.29 -1.55 25.93
CA LEU B 110 -3.74 -0.19 25.64
C LEU B 110 -4.51 -0.19 24.34
N VAL B 111 -5.71 0.40 24.34
CA VAL B 111 -6.55 0.56 23.14
C VAL B 111 -6.71 2.05 22.86
N ASN B 112 -6.08 2.54 21.79
CA ASN B 112 -6.21 3.93 21.39
C ASN B 112 -7.42 4.07 20.50
N ASN B 113 -8.52 4.47 21.11
CA ASN B 113 -9.84 4.50 20.45
C ASN B 113 -10.41 5.89 20.35
N ALA B 114 -10.25 6.73 21.38
CA ALA B 114 -10.73 8.10 21.31
C ALA B 114 -10.25 8.86 20.08
N SER B 115 -11.11 9.70 19.54
CA SER B 115 -10.88 10.34 18.25
C SER B 115 -11.87 11.43 18.01
N ALA B 116 -11.33 12.60 17.68
CA ALA B 116 -12.12 13.70 17.15
C ALA B 116 -12.29 13.50 15.65
N PHE B 117 -13.47 13.90 15.15
CA PHE B 117 -13.84 13.65 13.79
C PHE B 117 -14.78 14.75 13.34
N TYR B 118 -14.32 15.63 12.44
CA TYR B 118 -15.12 16.68 11.87
C TYR B 118 -14.39 17.31 10.71
N PRO B 119 -15.12 17.94 9.80
CA PRO B 119 -14.41 18.43 8.63
C PRO B 119 -13.62 19.68 8.90
N THR B 120 -12.56 19.87 8.12
CA THR B 120 -11.65 21.03 8.21
C THR B 120 -11.25 21.46 6.81
N PRO B 121 -12.13 22.20 6.13
CA PRO B 121 -11.89 22.53 4.73
C PRO B 121 -10.64 23.36 4.54
N LEU B 122 -9.92 23.09 3.46
CA LEU B 122 -8.77 23.87 3.08
C LEU B 122 -9.12 25.30 2.59
N VAL B 123 -10.37 25.50 2.12
CA VAL B 123 -10.76 26.79 1.57
C VAL B 123 -12.12 27.22 2.10
N GLY B 133 -17.03 27.45 15.23
CA GLY B 133 -16.16 28.62 15.29
C GLY B 133 -14.80 28.37 15.93
N LYS B 134 -14.27 27.14 15.77
CA LYS B 134 -12.92 26.83 16.26
C LYS B 134 -11.86 27.44 15.34
N THR B 135 -10.74 27.89 15.90
CA THR B 135 -9.64 28.32 15.04
C THR B 135 -8.96 27.09 14.46
N VAL B 136 -8.21 27.29 13.40
CA VAL B 136 -7.53 26.14 12.79
C VAL B 136 -6.51 25.51 13.75
N GLU B 137 -5.81 26.32 14.57
CA GLU B 137 -4.82 25.75 15.46
C GLU B 137 -5.48 24.86 16.53
N THR B 138 -6.73 25.15 16.88
CA THR B 138 -7.50 24.26 17.75
C THR B 138 -7.96 22.98 17.03
N GLN B 139 -8.32 23.09 15.77
CA GLN B 139 -8.70 21.92 14.98
C GLN B 139 -7.48 21.00 14.82
N VAL B 140 -6.32 21.59 14.57
CA VAL B 140 -5.07 20.84 14.52
C VAL B 140 -4.82 20.12 15.83
N ALA B 141 -4.91 20.85 16.94
CA ALA B 141 -4.64 20.29 18.25
C ALA B 141 -5.64 19.14 18.55
N GLU B 142 -6.93 19.30 18.26
CA GLU B 142 -7.91 18.24 18.57
C GLU B 142 -7.77 17.02 17.67
N LEU B 143 -7.70 17.27 16.36
CA LEU B 143 -7.69 16.19 15.39
C LEU B 143 -6.38 15.43 15.36
N ILE B 144 -5.24 16.14 15.36
CA ILE B 144 -3.94 15.49 15.42
C ILE B 144 -3.64 14.99 16.84
N GLY B 145 -4.06 15.72 17.86
CA GLY B 145 -3.86 15.25 19.24
C GLY B 145 -4.55 13.92 19.53
N THR B 146 -5.86 13.87 19.34
CA THR B 146 -6.66 12.69 19.67
C THR B 146 -6.27 11.51 18.80
N ASN B 147 -6.07 11.74 17.51
CA ASN B 147 -5.84 10.61 16.59
C ASN B 147 -4.38 10.12 16.51
N ALA B 148 -3.40 10.91 16.89
CA ALA B 148 -1.96 10.56 16.66
C ALA B 148 -1.07 10.86 17.84
N ILE B 149 -1.14 12.07 18.34
CA ILE B 149 -0.18 12.51 19.37
C ILE B 149 -0.46 11.84 20.72
N ALA B 150 -1.69 11.87 21.13
CA ALA B 150 -2.08 11.14 22.36
C ALA B 150 -1.79 9.65 22.28
N PRO B 151 -2.11 9.03 21.14
CA PRO B 151 -1.66 7.65 21.04
C PRO B 151 -0.19 7.43 21.26
N PHE B 152 0.63 8.32 20.73
CA PHE B 152 2.10 8.19 20.84
C PHE B 152 2.57 8.35 22.30
N LEU B 153 2.02 9.34 22.98
CA LEU B 153 2.35 9.64 24.34
C LEU B 153 1.93 8.53 25.29
N LEU B 154 0.73 8.01 25.06
CA LEU B 154 0.22 6.84 25.81
C LEU B 154 1.06 5.62 25.55
N THR B 155 1.48 5.43 24.28
CA THR B 155 2.37 4.34 23.96
C THR B 155 3.70 4.45 24.77
N MET B 156 4.29 5.64 24.78
CA MET B 156 5.51 5.95 25.51
C MET B 156 5.36 5.61 26.98
N SER B 157 4.28 6.09 27.59
CA SER B 157 4.03 5.84 29.02
C SER B 157 3.74 4.36 29.28
N PHE B 158 2.98 3.75 28.40
CA PHE B 158 2.70 2.31 28.52
C PHE B 158 3.97 1.51 28.52
N ALA B 159 4.87 1.82 27.59
CA ALA B 159 6.11 1.11 27.45
C ALA B 159 7.05 1.39 28.63
N GLN B 160 7.14 2.64 29.02
CA GLN B 160 8.04 3.04 30.09
C GLN B 160 7.67 2.37 31.43
N ARG B 161 6.38 2.19 31.70
CA ARG B 161 5.88 1.64 32.98
C ARG B 161 5.96 0.12 33.08
N GLN B 162 6.40 -0.57 32.03
CA GLN B 162 6.58 -2.01 32.11
C GLN B 162 7.90 -2.26 32.82
N SER B 172 3.05 -13.66 29.83
CA SER B 172 3.23 -12.26 29.42
C SER B 172 2.80 -11.97 27.96
N ASN B 173 1.72 -11.19 27.84
CA ASN B 173 1.05 -10.89 26.59
C ASN B 173 0.65 -9.40 26.56
N LEU B 174 1.64 -8.55 26.36
CA LEU B 174 1.43 -7.11 26.32
C LEU B 174 1.17 -6.70 24.88
N SER B 175 0.18 -5.85 24.68
CA SER B 175 -0.05 -5.28 23.36
C SER B 175 -0.84 -3.99 23.36
N ILE B 176 -0.72 -3.31 22.24
CA ILE B 176 -1.42 -2.08 21.97
C ILE B 176 -2.28 -2.29 20.72
N VAL B 177 -3.51 -1.79 20.75
CA VAL B 177 -4.37 -1.81 19.54
C VAL B 177 -4.80 -0.36 19.23
N ASN B 178 -4.49 0.10 18.02
CA ASN B 178 -4.84 1.42 17.56
C ASN B 178 -6.03 1.36 16.63
N LEU B 179 -7.05 2.18 16.89
CA LEU B 179 -8.22 2.22 16.05
C LEU B 179 -7.92 3.12 14.87
N CYS B 180 -7.75 2.51 13.70
CA CYS B 180 -7.40 3.24 12.48
C CYS B 180 -8.67 3.46 11.65
N ASP B 181 -8.55 3.52 10.31
CA ASP B 181 -9.65 3.83 9.42
C ASP B 181 -9.40 3.12 8.10
N ALA B 182 -10.32 2.25 7.73
CA ALA B 182 -10.21 1.52 6.47
C ALA B 182 -10.17 2.35 5.22
N MET B 183 -10.80 3.52 5.25
CA MET B 183 -10.88 4.42 4.09
C MET B 183 -9.74 5.46 4.02
N VAL B 184 -8.67 5.20 4.74
CA VAL B 184 -7.60 6.16 4.88
C VAL B 184 -6.95 6.63 3.54
N ASP B 185 -6.99 5.77 2.53
CA ASP B 185 -6.51 6.14 1.22
C ASP B 185 -7.58 6.57 0.23
N GLN B 186 -8.83 6.62 0.70
CA GLN B 186 -9.91 7.22 -0.08
C GLN B 186 -10.66 8.17 0.87
N PRO B 187 -10.03 9.29 1.20
CA PRO B 187 -10.50 10.10 2.29
C PRO B 187 -11.82 10.82 2.02
N CYS B 188 -12.55 11.11 3.08
CA CYS B 188 -13.72 11.96 2.96
C CYS B 188 -13.25 13.37 2.55
N MET B 189 -14.08 13.98 1.72
CA MET B 189 -13.88 15.34 1.28
C MET B 189 -13.88 16.34 2.46
N ALA B 190 -12.86 17.17 2.51
CA ALA B 190 -12.68 18.21 3.52
C ALA B 190 -12.28 17.71 4.90
N PHE B 191 -11.68 16.53 4.96
CA PHE B 191 -11.35 15.94 6.23
C PHE B 191 -9.85 15.75 6.31
N SER B 192 -9.09 16.71 5.78
CA SER B 192 -7.66 16.56 5.68
C SER B 192 -6.98 16.35 7.05
N LEU B 193 -7.29 17.14 8.08
CA LEU B 193 -6.62 16.92 9.39
C LEU B 193 -6.97 15.58 10.03
N TYR B 194 -8.24 15.20 9.96
CA TYR B 194 -8.66 13.88 10.46
C TYR B 194 -7.84 12.76 9.76
N ASN B 195 -7.83 12.85 8.42
CA ASN B 195 -7.13 11.88 7.62
C ASN B 195 -5.61 11.90 7.91
N MET B 196 -5.04 13.09 8.06
CA MET B 196 -3.64 13.21 8.42
C MET B 196 -3.37 12.52 9.77
N GLY B 197 -4.29 12.70 10.71
CA GLY B 197 -4.20 12.06 11.99
C GLY B 197 -4.22 10.55 11.93
N LYS B 198 -5.16 10.01 11.16
CA LYS B 198 -5.25 8.56 10.98
C LYS B 198 -4.06 7.98 10.21
N HIS B 199 -3.49 8.74 9.27
CA HIS B 199 -2.25 8.30 8.61
C HIS B 199 -1.09 8.24 9.56
N ALA B 200 -0.95 9.30 10.37
CA ALA B 200 0.04 9.34 11.39
C ALA B 200 -0.11 8.13 12.29
N LEU B 201 -1.34 7.76 12.60
CA LEU B 201 -1.58 6.63 13.49
C LEU B 201 -1.11 5.28 12.90
N VAL B 202 -1.22 5.15 11.58
CA VAL B 202 -0.65 3.97 10.89
C VAL B 202 0.85 3.96 11.11
N GLY B 203 1.46 5.13 10.92
CA GLY B 203 2.88 5.31 11.06
C GLY B 203 3.34 4.91 12.44
N LEU B 204 2.61 5.37 13.45
CA LEU B 204 2.87 4.99 14.85
C LEU B 204 2.75 3.49 15.10
N THR B 205 1.67 2.87 14.61
CA THR B 205 1.48 1.43 14.71
C THR B 205 2.74 0.68 14.20
N GLN B 206 3.20 1.03 13.00
CA GLN B 206 4.40 0.40 12.43
C GLN B 206 5.67 0.66 13.22
N SER B 207 5.94 1.93 13.46
CA SER B 207 7.15 2.38 14.18
C SER B 207 7.22 1.76 15.57
N ALA B 208 6.11 1.77 16.29
CA ALA B 208 6.10 1.23 17.62
C ALA B 208 6.12 -0.28 17.63
N ALA B 209 5.48 -0.96 16.65
CA ALA B 209 5.66 -2.40 16.56
C ALA B 209 7.17 -2.78 16.47
N LEU B 210 7.90 -2.11 15.59
CA LEU B 210 9.30 -2.38 15.35
C LEU B 210 10.07 -2.13 16.67
N GLU B 211 9.82 -0.98 17.25
CA GLU B 211 10.61 -0.52 18.39
C GLU B 211 10.32 -1.25 19.71
N LEU B 212 9.09 -1.72 19.88
CA LEU B 212 8.68 -2.40 21.10
C LEU B 212 8.69 -3.90 21.05
N ALA B 213 8.98 -4.47 19.88
CA ALA B 213 9.06 -5.92 19.76
C ALA B 213 10.07 -6.56 20.72
N PRO B 214 11.24 -5.91 20.90
CA PRO B 214 12.21 -6.45 21.84
C PRO B 214 11.77 -6.40 23.27
N TYR B 215 10.69 -5.68 23.60
CA TYR B 215 10.13 -5.69 24.96
C TYR B 215 8.95 -6.60 25.08
N GLY B 216 8.65 -7.32 24.00
CA GLY B 216 7.53 -8.21 23.94
C GLY B 216 6.20 -7.52 23.84
N ILE B 217 6.18 -6.25 23.47
CA ILE B 217 4.93 -5.57 23.26
C ILE B 217 4.60 -5.54 21.77
N ARG B 218 3.51 -6.20 21.45
CA ARG B 218 2.96 -6.19 20.08
C ARG B 218 2.11 -4.91 19.87
N VAL B 219 2.09 -4.41 18.64
CA VAL B 219 1.37 -3.17 18.32
C VAL B 219 0.65 -3.38 16.98
N ASN B 220 -0.68 -3.29 17.03
CA ASN B 220 -1.51 -3.58 15.84
C ASN B 220 -2.63 -2.59 15.76
N GLY B 221 -3.39 -2.66 14.67
CA GLY B 221 -4.53 -1.78 14.45
C GLY B 221 -5.75 -2.54 14.01
N VAL B 222 -6.90 -1.94 14.25
CA VAL B 222 -8.17 -2.39 13.70
C VAL B 222 -8.72 -1.22 12.97
N ALA B 223 -9.13 -1.45 11.73
CA ALA B 223 -9.53 -0.39 10.82
C ALA B 223 -10.99 -0.52 10.40
N PRO B 224 -11.90 0.16 11.11
CA PRO B 224 -13.29 0.04 10.70
C PRO B 224 -13.55 0.78 9.41
N GLY B 225 -14.57 0.35 8.66
CA GLY B 225 -15.07 1.11 7.52
C GLY B 225 -16.18 2.08 7.93
N VAL B 226 -17.43 1.62 7.88
N VAL B 226 -17.43 1.60 7.89
CA VAL B 226 -18.52 2.37 8.51
CA VAL B 226 -18.54 2.34 8.50
C VAL B 226 -19.12 1.47 9.58
C VAL B 226 -19.15 1.47 9.58
N SER B 227 -19.26 2.03 10.77
CA SER B 227 -19.72 1.30 11.94
C SER B 227 -20.58 2.18 12.86
N LEU B 228 -21.70 1.61 13.32
CA LEU B 228 -22.51 2.20 14.36
C LEU B 228 -22.81 3.61 13.95
N LEU B 229 -23.68 3.75 12.98
CA LEU B 229 -23.97 5.07 12.45
C LEU B 229 -24.74 5.85 13.54
N PRO B 230 -24.56 7.18 13.60
CA PRO B 230 -25.15 7.99 14.69
C PRO B 230 -26.67 7.79 14.79
N VAL B 231 -27.19 7.65 16.02
CA VAL B 231 -28.61 7.34 16.20
C VAL B 231 -29.49 8.44 15.56
N ALA B 232 -29.04 9.69 15.70
CA ALA B 232 -29.71 10.87 15.12
C ALA B 232 -29.59 11.04 13.59
N MET B 233 -28.61 10.40 12.97
CA MET B 233 -28.55 10.36 11.49
C MET B 233 -29.84 9.76 10.86
N GLY B 234 -30.45 10.44 9.90
CA GLY B 234 -31.68 9.90 9.28
C GLY B 234 -31.41 8.52 8.69
N GLU B 235 -32.37 7.60 8.81
CA GLU B 235 -32.25 6.27 8.20
C GLU B 235 -31.94 6.31 6.69
N GLU B 236 -32.41 7.36 6.01
CA GLU B 236 -32.20 7.54 4.56
C GLU B 236 -30.73 7.72 4.26
N GLU B 237 -30.06 8.60 5.02
N GLU B 237 -30.06 8.61 5.01
CA GLU B 237 -28.63 8.81 4.84
CA GLU B 237 -28.63 8.79 4.84
C GLU B 237 -27.87 7.58 5.38
C GLU B 237 -27.91 7.54 5.35
N LYS B 238 -28.31 7.03 6.52
CA LYS B 238 -27.78 5.73 7.03
C LYS B 238 -27.80 4.66 5.95
N ASP B 239 -28.94 4.54 5.25
CA ASP B 239 -29.02 3.60 4.14
C ASP B 239 -28.05 3.97 3.00
N LYS B 240 -27.77 5.25 2.78
CA LYS B 240 -26.81 5.61 1.72
C LYS B 240 -25.40 5.00 1.94
N TRP B 241 -24.96 4.90 3.19
CA TRP B 241 -23.67 4.29 3.49
C TRP B 241 -23.82 2.79 3.46
N ARG B 242 -24.93 2.30 4.01
CA ARG B 242 -25.22 0.89 4.04
C ARG B 242 -25.19 0.33 2.63
N ARG B 243 -25.81 1.04 1.68
CA ARG B 243 -25.88 0.59 0.27
C ARG B 243 -24.49 0.34 -0.33
N LYS B 244 -23.51 1.09 0.10
CA LYS B 244 -22.17 0.94 -0.41
C LYS B 244 -21.44 -0.32 0.07
N VAL B 245 -21.85 -0.88 1.19
CA VAL B 245 -21.07 -1.97 1.81
C VAL B 245 -21.36 -3.31 1.13
N PRO B 246 -20.32 -3.93 0.50
CA PRO B 246 -20.61 -5.19 -0.19
C PRO B 246 -21.15 -6.28 0.68
N LEU B 247 -20.59 -6.50 1.85
CA LEU B 247 -21.04 -7.57 2.72
C LEU B 247 -22.24 -7.12 3.54
N GLY B 248 -23.44 -7.40 2.99
CA GLY B 248 -24.69 -7.21 3.75
C GLY B 248 -25.37 -5.87 3.66
N ARG B 249 -24.77 -4.93 2.94
CA ARG B 249 -25.27 -3.56 2.77
C ARG B 249 -25.64 -2.95 4.12
N ARG B 250 -24.81 -3.18 5.11
CA ARG B 250 -24.97 -2.58 6.42
C ARG B 250 -23.63 -2.26 7.08
N GLU B 251 -23.74 -1.37 8.06
CA GLU B 251 -22.62 -0.97 8.89
C GLU B 251 -22.25 -2.07 9.84
N ALA B 252 -21.00 -2.01 10.35
CA ALA B 252 -20.54 -2.90 11.38
C ALA B 252 -21.17 -2.50 12.70
N SER B 253 -21.38 -3.49 13.54
CA SER B 253 -21.76 -3.25 14.93
C SER B 253 -20.49 -2.93 15.69
N ALA B 254 -20.64 -2.27 16.82
CA ALA B 254 -19.51 -1.98 17.64
C ALA B 254 -18.89 -3.26 18.12
N GLU B 255 -19.72 -4.29 18.35
CA GLU B 255 -19.22 -5.57 18.81
C GLU B 255 -18.37 -6.30 17.78
N GLN B 256 -18.76 -6.16 16.51
CA GLN B 256 -17.93 -6.72 15.43
C GLN B 256 -16.53 -6.09 15.39
N ILE B 257 -16.44 -4.79 15.61
CA ILE B 257 -15.11 -4.11 15.71
C ILE B 257 -14.37 -4.65 16.93
N ALA B 258 -15.10 -4.73 18.07
CA ALA B 258 -14.48 -5.24 19.30
C ALA B 258 -13.88 -6.61 19.15
N ASP B 259 -14.53 -7.44 18.35
CA ASP B 259 -14.10 -8.81 18.11
C ASP B 259 -12.67 -8.88 17.54
N ALA B 260 -12.35 -7.95 16.65
CA ALA B 260 -11.02 -7.88 16.02
C ALA B 260 -9.99 -7.43 17.07
N VAL B 261 -10.39 -6.50 17.94
CA VAL B 261 -9.56 -6.12 19.07
C VAL B 261 -9.24 -7.30 20.00
N ILE B 262 -10.28 -8.03 20.43
CA ILE B 262 -10.12 -9.20 21.29
C ILE B 262 -9.17 -10.24 20.65
N PHE B 263 -9.34 -10.50 19.35
CA PHE B 263 -8.37 -11.37 18.63
C PHE B 263 -6.95 -10.85 18.74
N LEU B 264 -6.75 -9.57 18.43
CA LEU B 264 -5.38 -9.05 18.45
C LEU B 264 -4.75 -9.08 19.82
N VAL B 265 -5.55 -8.94 20.89
CA VAL B 265 -4.95 -8.98 22.21
C VAL B 265 -4.80 -10.42 22.73
N SER B 266 -5.48 -11.38 22.11
CA SER B 266 -5.41 -12.80 22.51
C SER B 266 -4.10 -13.50 22.23
N GLY B 267 -3.92 -14.63 22.88
CA GLY B 267 -2.78 -15.48 22.58
C GLY B 267 -2.84 -16.14 21.20
N SER B 268 -3.99 -16.03 20.52
CA SER B 268 -4.10 -16.49 19.11
C SER B 268 -3.42 -15.53 18.10
N ALA B 269 -2.91 -14.40 18.61
CA ALA B 269 -2.23 -13.40 17.79
C ALA B 269 -0.84 -13.10 18.29
N GLN B 270 -0.23 -14.09 18.95
CA GLN B 270 1.09 -13.94 19.59
C GLN B 270 2.24 -13.56 18.65
N TYR B 271 2.12 -13.87 17.36
CA TYR B 271 3.19 -13.55 16.40
C TYR B 271 2.78 -12.35 15.52
N ILE B 272 1.63 -11.78 15.80
CA ILE B 272 1.08 -10.69 15.00
C ILE B 272 1.52 -9.36 15.59
N THR B 273 2.33 -8.62 14.84
CA THR B 273 2.65 -7.25 15.22
C THR B 273 2.90 -6.38 13.99
N GLY B 274 2.54 -5.09 14.09
CA GLY B 274 2.51 -4.20 12.95
C GLY B 274 1.45 -4.43 11.90
N SER B 275 0.40 -5.16 12.24
CA SER B 275 -0.67 -5.51 11.34
C SER B 275 -1.89 -4.67 11.59
N ILE B 276 -2.54 -4.24 10.53
CA ILE B 276 -3.80 -3.49 10.65
C ILE B 276 -4.91 -4.27 9.97
N ILE B 277 -5.86 -4.75 10.77
CA ILE B 277 -6.93 -5.54 10.25
C ILE B 277 -8.13 -4.66 9.94
N LYS B 278 -8.48 -4.60 8.67
CA LYS B 278 -9.71 -3.94 8.22
C LYS B 278 -10.94 -4.78 8.66
N VAL B 279 -11.96 -4.10 9.17
CA VAL B 279 -13.25 -4.71 9.51
C VAL B 279 -14.27 -3.79 8.88
N ASP B 280 -14.43 -3.93 7.56
CA ASP B 280 -15.12 -2.96 6.77
C ASP B 280 -16.13 -3.57 5.77
N GLY B 281 -16.33 -4.88 5.83
CA GLY B 281 -17.29 -5.54 4.94
C GLY B 281 -17.03 -5.30 3.44
N GLY B 282 -15.77 -5.06 3.10
CA GLY B 282 -15.38 -4.81 1.72
C GLY B 282 -15.48 -3.38 1.23
N LEU B 283 -15.89 -2.46 2.10
CA LEU B 283 -16.13 -1.07 1.66
C LEU B 283 -14.95 -0.38 0.96
N SER B 284 -13.75 -0.56 1.51
CA SER B 284 -12.55 0.03 0.98
C SER B 284 -12.18 -0.51 -0.41
N LEU B 285 -12.81 -1.62 -0.85
CA LEU B 285 -12.56 -2.21 -2.15
C LEU B 285 -13.42 -1.62 -3.24
N VAL B 286 -14.39 -0.79 -2.89
CA VAL B 286 -15.41 -0.32 -3.85
C VAL B 286 -14.92 0.95 -4.54
N HIS B 287 -14.86 0.94 -5.87
CA HIS B 287 -14.42 2.15 -6.58
C HIS B 287 -15.54 3.21 -6.63
N ALA B 288 -15.14 4.43 -6.96
CA ALA B 288 -16.07 5.54 -7.12
C ALA B 288 -17.14 5.19 -8.16
N GLU C 22 24.51 7.07 -32.42
CA GLU C 22 23.38 6.15 -32.80
C GLU C 22 22.10 6.45 -31.98
N ALA C 23 20.97 6.44 -32.65
CA ALA C 23 19.68 6.63 -31.99
C ALA C 23 19.24 5.38 -31.18
N PRO C 24 18.75 5.57 -29.95
CA PRO C 24 18.28 4.44 -29.19
C PRO C 24 16.98 3.83 -29.78
N ALA C 25 16.68 2.59 -29.41
CA ALA C 25 15.53 1.88 -29.97
C ALA C 25 14.65 1.39 -28.82
N ALA C 26 13.34 1.39 -29.08
CA ALA C 26 12.31 0.96 -28.15
C ALA C 26 11.33 -0.02 -28.77
N VAL C 27 10.93 -1.01 -27.98
CA VAL C 27 9.83 -1.85 -28.33
C VAL C 27 8.61 -1.41 -27.55
N VAL C 28 7.50 -1.23 -28.25
CA VAL C 28 6.20 -0.94 -27.66
C VAL C 28 5.19 -2.03 -28.02
N THR C 29 4.74 -2.78 -27.02
CA THR C 29 3.74 -3.80 -27.33
C THR C 29 2.38 -3.16 -27.47
N GLY C 30 1.52 -3.69 -28.32
CA GLY C 30 0.19 -3.17 -28.54
C GLY C 30 0.19 -1.72 -29.00
N ALA C 31 1.10 -1.40 -29.92
CA ALA C 31 1.35 -0.02 -30.30
C ALA C 31 0.58 0.52 -31.50
N ALA C 32 -0.33 -0.26 -32.08
CA ALA C 32 -1.06 0.17 -33.26
C ALA C 32 -2.13 1.20 -33.01
N LYS C 33 -2.68 1.22 -31.79
CA LYS C 33 -3.87 2.04 -31.48
C LYS C 33 -3.74 2.70 -30.10
N ARG C 34 -4.47 3.80 -29.88
CA ARG C 34 -4.77 4.24 -28.52
C ARG C 34 -3.49 4.60 -27.77
N ILE C 35 -3.36 4.17 -26.51
CA ILE C 35 -2.25 4.61 -25.66
C ILE C 35 -0.89 4.11 -26.16
N GLY C 36 -0.86 2.87 -26.61
CA GLY C 36 0.33 2.29 -27.20
C GLY C 36 0.81 3.12 -28.39
N ARG C 37 -0.11 3.52 -29.26
CA ARG C 37 0.26 4.33 -30.43
C ARG C 37 0.86 5.66 -30.00
N ALA C 38 0.20 6.34 -29.06
CA ALA C 38 0.71 7.60 -28.46
C ALA C 38 2.11 7.49 -27.86
N ILE C 39 2.39 6.37 -27.19
CA ILE C 39 3.71 6.12 -26.62
C ILE C 39 4.74 5.94 -27.72
N ALA C 40 4.40 5.13 -28.74
CA ALA C 40 5.33 4.97 -29.88
C ALA C 40 5.62 6.33 -30.53
N VAL C 41 4.57 7.10 -30.78
CA VAL C 41 4.73 8.41 -31.44
C VAL C 41 5.63 9.29 -30.63
N LYS C 42 5.35 9.36 -29.33
CA LYS C 42 6.12 10.24 -28.50
C LYS C 42 7.58 9.81 -28.31
N LEU C 43 7.82 8.51 -28.20
CA LEU C 43 9.19 8.01 -28.19
C LEU C 43 9.91 8.35 -29.52
N HIS C 44 9.24 8.11 -30.62
CA HIS C 44 9.80 8.43 -31.96
C HIS C 44 10.09 9.93 -32.02
N GLN C 45 9.17 10.75 -31.52
CA GLN C 45 9.35 12.23 -31.48
C GLN C 45 10.52 12.64 -30.65
N THR C 46 10.82 11.86 -29.61
CA THR C 46 11.97 12.09 -28.74
C THR C 46 13.26 11.57 -29.36
N GLY C 47 13.19 10.86 -30.49
CA GLY C 47 14.44 10.43 -31.16
C GLY C 47 14.65 8.92 -31.19
N TYR C 48 13.73 8.16 -30.60
CA TYR C 48 13.84 6.71 -30.66
C TYR C 48 13.42 6.13 -31.98
N ARG C 49 14.07 5.03 -32.34
CA ARG C 49 13.55 4.14 -33.36
C ARG C 49 12.64 3.16 -32.65
N VAL C 50 11.53 2.78 -33.29
CA VAL C 50 10.51 1.98 -32.64
C VAL C 50 10.13 0.67 -33.37
N VAL C 51 9.91 -0.36 -32.57
CA VAL C 51 9.27 -1.55 -33.01
C VAL C 51 7.81 -1.47 -32.54
N ILE C 52 6.91 -1.56 -33.51
CA ILE C 52 5.50 -1.47 -33.31
C ILE C 52 4.96 -2.87 -33.27
N HIS C 53 4.73 -3.41 -32.07
CA HIS C 53 4.10 -4.72 -31.98
C HIS C 53 2.61 -4.56 -32.08
N TYR C 54 1.93 -5.53 -32.70
CA TYR C 54 0.50 -5.56 -32.77
C TYR C 54 0.05 -7.01 -32.82
N HIS C 55 -1.20 -7.24 -32.51
CA HIS C 55 -1.78 -8.56 -32.62
C HIS C 55 -2.75 -8.63 -33.80
N ASN C 56 -3.87 -7.92 -33.74
CA ASN C 56 -4.90 -7.93 -34.81
C ASN C 56 -4.94 -6.66 -35.70
N SER C 57 -4.45 -5.54 -35.16
CA SER C 57 -4.58 -4.25 -35.87
C SER C 57 -3.47 -4.00 -36.88
N ALA C 58 -3.47 -4.87 -37.90
CA ALA C 58 -2.38 -4.90 -38.90
C ALA C 58 -2.37 -3.62 -39.72
N GLU C 59 -3.55 -3.15 -40.17
CA GLU C 59 -3.57 -1.96 -41.04
C GLU C 59 -3.11 -0.72 -40.28
N ALA C 60 -3.58 -0.58 -39.04
CA ALA C 60 -3.17 0.56 -38.22
C ALA C 60 -1.69 0.54 -37.89
N ALA C 61 -1.14 -0.65 -37.59
CA ALA C 61 0.29 -0.76 -37.30
C ALA C 61 1.16 -0.32 -38.47
N VAL C 62 0.84 -0.87 -39.64
CA VAL C 62 1.56 -0.50 -40.84
C VAL C 62 1.38 0.98 -41.17
N SER C 63 0.17 1.49 -41.02
CA SER C 63 -0.04 2.92 -41.23
C SER C 63 0.82 3.80 -40.30
N LEU C 64 0.90 3.45 -39.03
CA LEU C 64 1.78 4.14 -38.10
C LEU C 64 3.25 4.04 -38.49
N ALA C 65 3.73 2.85 -38.87
CA ALA C 65 5.14 2.70 -39.25
C ALA C 65 5.45 3.59 -40.45
N ASP C 66 4.53 3.60 -41.41
CA ASP C 66 4.60 4.45 -42.63
C ASP C 66 4.77 5.90 -42.21
N GLU C 67 3.96 6.33 -41.25
CA GLU C 67 3.92 7.73 -40.86
C GLU C 67 5.19 8.13 -40.15
N LEU C 68 5.71 7.27 -39.28
CA LEU C 68 6.92 7.58 -38.58
C LEU C 68 8.12 7.51 -39.51
N ASN C 69 8.15 6.53 -40.43
CA ASN C 69 9.26 6.47 -41.41
C ASN C 69 9.27 7.65 -42.40
N LYS C 70 8.09 8.18 -42.68
CA LYS C 70 7.96 9.44 -43.40
C LYS C 70 8.75 10.54 -42.70
N GLU C 71 8.61 10.62 -41.38
CA GLU C 71 9.37 11.63 -40.61
C GLU C 71 10.83 11.37 -40.65
N ARG C 72 11.23 10.13 -40.38
CA ARG C 72 12.65 9.78 -40.41
C ARG C 72 12.79 8.38 -40.94
N SER C 73 13.52 8.24 -42.04
CA SER C 73 13.64 6.96 -42.72
C SER C 73 14.25 5.90 -41.85
N ASN C 74 13.70 4.69 -41.90
CA ASN C 74 14.30 3.52 -41.27
C ASN C 74 14.35 3.66 -39.73
N THR C 75 13.29 4.22 -39.19
CA THR C 75 13.16 4.36 -37.76
C THR C 75 11.93 3.66 -37.15
N ALA C 76 11.16 2.90 -37.96
CA ALA C 76 10.00 2.18 -37.43
C ALA C 76 9.82 0.88 -38.19
N VAL C 77 9.57 -0.19 -37.46
CA VAL C 77 9.22 -1.49 -38.07
C VAL C 77 8.03 -2.10 -37.33
N VAL C 78 7.36 -3.09 -37.90
CA VAL C 78 6.30 -3.81 -37.18
C VAL C 78 6.65 -5.23 -36.85
N CYS C 79 6.00 -5.75 -35.82
CA CYS C 79 6.19 -7.11 -35.40
C CYS C 79 4.85 -7.62 -34.98
N GLN C 80 4.38 -8.70 -35.55
CA GLN C 80 3.10 -9.28 -35.11
C GLN C 80 3.28 -10.44 -34.14
N ALA C 81 2.46 -10.47 -33.08
CA ALA C 81 2.44 -11.63 -32.17
C ALA C 81 1.22 -11.66 -31.26
N ASP C 82 0.68 -12.86 -31.07
CA ASP C 82 -0.29 -13.13 -30.01
C ASP C 82 0.52 -13.22 -28.69
N LEU C 83 0.07 -12.54 -27.64
CA LEU C 83 0.77 -12.56 -26.35
C LEU C 83 -0.01 -13.36 -25.31
N THR C 84 -1.06 -14.04 -25.78
CA THR C 84 -1.78 -14.99 -24.96
C THR C 84 -0.78 -16.01 -24.41
N ASN C 85 -0.97 -16.47 -23.18
CA ASN C 85 -0.09 -17.47 -22.64
C ASN C 85 -0.24 -18.84 -23.37
N SER C 86 0.89 -19.52 -23.62
CA SER C 86 0.95 -20.84 -24.29
C SER C 86 2.40 -21.34 -24.22
N ASN C 87 2.60 -22.56 -24.69
CA ASN C 87 3.93 -23.14 -24.85
C ASN C 87 4.84 -22.37 -25.83
N VAL C 88 4.26 -21.61 -26.74
CA VAL C 88 5.05 -20.84 -27.72
C VAL C 88 5.29 -19.37 -27.33
N LEU C 89 4.71 -18.94 -26.22
CA LEU C 89 4.85 -17.52 -25.85
C LEU C 89 6.29 -17.12 -25.54
N PRO C 90 7.10 -17.96 -24.88
CA PRO C 90 8.48 -17.49 -24.73
C PRO C 90 9.25 -17.19 -26.02
N ALA C 91 9.13 -18.07 -27.00
CA ALA C 91 9.70 -17.85 -28.30
C ALA C 91 9.13 -16.62 -28.94
N SER C 92 7.81 -16.43 -28.83
CA SER C 92 7.21 -15.22 -29.42
C SER C 92 7.84 -13.98 -28.79
N CYS C 93 7.98 -13.97 -27.46
CA CYS C 93 8.57 -12.80 -26.80
C CYS C 93 10.04 -12.59 -27.16
N GLU C 94 10.79 -13.68 -27.27
CA GLU C 94 12.16 -13.59 -27.74
C GLU C 94 12.23 -12.98 -29.15
N GLU C 95 11.31 -13.33 -30.02
CA GLU C 95 11.31 -12.77 -31.39
C GLU C 95 10.91 -11.29 -31.48
N ILE C 96 10.05 -10.84 -30.56
CA ILE C 96 9.73 -9.44 -30.49
C ILE C 96 10.98 -8.63 -30.18
N ILE C 97 11.72 -9.06 -29.18
CA ILE C 97 12.94 -8.37 -28.81
C ILE C 97 13.94 -8.48 -29.98
N ASN C 98 14.04 -9.68 -30.54
CA ASN C 98 14.87 -9.88 -31.73
C ASN C 98 14.60 -8.96 -32.87
N SER C 99 13.32 -8.70 -33.15
N SER C 99 13.31 -8.71 -33.16
CA SER C 99 12.99 -7.81 -34.25
CA SER C 99 12.96 -7.79 -34.22
C SER C 99 13.63 -6.43 -34.05
C SER C 99 13.65 -6.45 -34.05
N CYS C 100 13.81 -6.01 -32.80
CA CYS C 100 14.47 -4.73 -32.49
C CYS C 100 15.99 -4.76 -32.75
N PHE C 101 16.61 -5.85 -32.35
CA PHE C 101 18.03 -6.06 -32.65
C PHE C 101 18.29 -6.18 -34.15
N ARG C 102 17.41 -6.90 -34.86
CA ARG C 102 17.64 -7.13 -36.28
C ARG C 102 17.47 -5.86 -37.12
N ALA C 103 16.51 -5.02 -36.74
CA ALA C 103 16.27 -3.79 -37.46
C ALA C 103 17.27 -2.74 -37.06
N PHE C 104 17.56 -2.66 -35.76
CA PHE C 104 18.18 -1.43 -35.23
C PHE C 104 19.49 -1.63 -34.55
N GLY C 105 19.86 -2.88 -34.31
CA GLY C 105 21.17 -3.17 -33.72
C GLY C 105 21.25 -2.95 -32.22
N ARG C 106 20.15 -2.59 -31.59
CA ARG C 106 20.12 -2.42 -30.13
C ARG C 106 18.66 -2.35 -29.64
N CYS C 107 18.48 -2.39 -28.32
CA CYS C 107 17.12 -2.33 -27.71
C CYS C 107 17.31 -1.73 -26.33
N ASP C 108 16.91 -0.48 -26.21
CA ASP C 108 17.23 0.33 -25.04
C ASP C 108 16.03 0.41 -24.08
N VAL C 109 14.81 0.35 -24.64
CA VAL C 109 13.57 0.57 -23.90
C VAL C 109 12.53 -0.50 -24.29
N LEU C 110 11.89 -1.09 -23.27
CA LEU C 110 10.71 -1.93 -23.51
C LEU C 110 9.46 -1.33 -22.86
N VAL C 111 8.37 -1.20 -23.60
CA VAL C 111 7.14 -0.71 -22.99
C VAL C 111 6.12 -1.84 -23.10
N ASN C 112 5.70 -2.37 -21.94
CA ASN C 112 4.70 -3.43 -21.90
C ASN C 112 3.31 -2.81 -21.77
N ASN C 113 2.67 -2.62 -22.91
CA ASN C 113 1.37 -1.94 -23.01
C ASN C 113 0.21 -2.83 -23.42
N ALA C 114 0.46 -3.79 -24.33
CA ALA C 114 -0.61 -4.73 -24.75
C ALA C 114 -1.38 -5.36 -23.60
N SER C 115 -2.69 -5.48 -23.74
CA SER C 115 -3.48 -5.95 -22.65
C SER C 115 -4.85 -6.37 -23.10
N ALA C 116 -5.21 -7.58 -22.74
CA ALA C 116 -6.56 -8.01 -22.87
C ALA C 116 -7.33 -7.53 -21.64
N PHE C 117 -8.59 -7.19 -21.84
CA PHE C 117 -9.46 -6.60 -20.83
C PHE C 117 -10.92 -6.94 -21.16
N TYR C 118 -11.52 -7.76 -20.31
CA TYR C 118 -12.94 -8.09 -20.36
C TYR C 118 -13.33 -8.82 -19.09
N PRO C 119 -14.65 -8.84 -18.77
CA PRO C 119 -15.11 -9.48 -17.55
C PRO C 119 -15.02 -10.98 -17.56
N THR C 120 -14.67 -11.55 -16.39
CA THR C 120 -14.59 -12.98 -16.19
C THR C 120 -15.28 -13.30 -14.85
N PRO C 121 -16.61 -13.26 -14.83
CA PRO C 121 -17.38 -13.49 -13.59
C PRO C 121 -17.00 -14.80 -12.93
N LEU C 122 -16.98 -14.80 -11.62
CA LEU C 122 -16.73 -16.01 -10.84
C LEU C 122 -17.93 -16.94 -10.86
N VAL C 123 -19.14 -16.39 -10.98
CA VAL C 123 -20.37 -17.19 -10.92
C VAL C 123 -21.19 -16.98 -12.17
N GLY C 133 -19.03 -18.93 -25.42
CA GLY C 133 -17.89 -18.01 -25.61
C GLY C 133 -16.57 -18.66 -25.21
N LYS C 134 -15.59 -17.82 -24.85
CA LYS C 134 -14.25 -18.31 -24.44
C LYS C 134 -14.39 -19.33 -23.33
N THR C 135 -13.57 -20.37 -23.32
CA THR C 135 -13.47 -21.25 -22.17
C THR C 135 -12.69 -20.51 -21.06
N VAL C 136 -12.85 -20.96 -19.81
CA VAL C 136 -12.15 -20.28 -18.74
C VAL C 136 -10.67 -20.33 -18.93
N GLU C 137 -10.16 -21.45 -19.43
CA GLU C 137 -8.71 -21.59 -19.58
C GLU C 137 -8.18 -20.64 -20.67
N THR C 138 -9.04 -20.34 -21.64
CA THR C 138 -8.69 -19.37 -22.66
C THR C 138 -8.64 -17.95 -22.05
N GLN C 139 -9.57 -17.65 -21.18
CA GLN C 139 -9.62 -16.37 -20.49
C GLN C 139 -8.40 -16.16 -19.61
N VAL C 140 -8.05 -17.21 -18.87
CA VAL C 140 -6.84 -17.20 -18.08
C VAL C 140 -5.60 -16.89 -19.00
N ALA C 141 -5.45 -17.66 -20.08
CA ALA C 141 -4.30 -17.53 -20.98
C ALA C 141 -4.21 -16.10 -21.51
N GLU C 142 -5.35 -15.60 -21.97
CA GLU C 142 -5.35 -14.24 -22.54
C GLU C 142 -5.06 -13.13 -21.53
N LEU C 143 -5.83 -13.10 -20.44
CA LEU C 143 -5.75 -12.00 -19.47
C LEU C 143 -4.44 -12.08 -18.68
N ILE C 144 -4.08 -13.27 -18.20
CA ILE C 144 -2.82 -13.42 -17.44
C ILE C 144 -1.63 -13.36 -18.41
N GLY C 145 -1.77 -13.91 -19.61
CA GLY C 145 -0.68 -13.81 -20.56
C GLY C 145 -0.34 -12.41 -21.00
N THR C 146 -1.31 -11.65 -21.50
CA THR C 146 -1.02 -10.28 -21.97
C THR C 146 -0.57 -9.37 -20.86
N ASN C 147 -1.18 -9.46 -19.68
CA ASN C 147 -0.95 -8.47 -18.62
C ASN C 147 0.25 -8.78 -17.73
N ALA C 148 0.71 -10.01 -17.74
CA ALA C 148 1.76 -10.44 -16.78
C ALA C 148 2.81 -11.35 -17.38
N ILE C 149 2.40 -12.45 -17.98
CA ILE C 149 3.41 -13.45 -18.37
C ILE C 149 4.24 -12.99 -19.57
N ALA C 150 3.60 -12.39 -20.57
CA ALA C 150 4.35 -11.80 -21.66
C ALA C 150 5.26 -10.68 -21.20
N PRO C 151 4.77 -9.82 -20.29
CA PRO C 151 5.72 -8.85 -19.77
C PRO C 151 6.96 -9.45 -19.10
N PHE C 152 6.75 -10.51 -18.33
CA PHE C 152 7.85 -11.23 -17.70
C PHE C 152 8.82 -11.81 -18.76
N LEU C 153 8.29 -12.49 -19.76
CA LEU C 153 9.13 -13.12 -20.79
C LEU C 153 9.85 -12.10 -21.63
N LEU C 154 9.13 -11.03 -22.01
CA LEU C 154 9.78 -9.91 -22.70
C LEU C 154 10.90 -9.25 -21.88
N THR C 155 10.69 -9.17 -20.57
CA THR C 155 11.67 -8.66 -19.63
C THR C 155 12.91 -9.59 -19.59
N MET C 156 12.72 -10.88 -19.43
CA MET C 156 13.83 -11.84 -19.55
C MET C 156 14.63 -11.67 -20.86
N SER C 157 13.92 -11.57 -21.99
CA SER C 157 14.57 -11.51 -23.32
C SER C 157 15.34 -10.22 -23.47
N PHE C 158 14.75 -9.15 -22.99
CA PHE C 158 15.35 -7.84 -23.03
C PHE C 158 16.61 -7.80 -22.21
N ALA C 159 16.55 -8.26 -20.96
CA ALA C 159 17.74 -8.33 -20.11
C ALA C 159 18.79 -9.24 -20.65
N GLN C 160 18.39 -10.41 -21.13
CA GLN C 160 19.32 -11.41 -21.63
C GLN C 160 20.15 -10.88 -22.80
N ARG C 161 19.58 -9.99 -23.62
CA ARG C 161 20.32 -9.39 -24.76
C ARG C 161 21.25 -8.22 -24.40
N GLN C 162 21.26 -7.77 -23.16
CA GLN C 162 22.09 -6.59 -22.83
C GLN C 162 23.44 -7.10 -22.33
N SER C 172 24.75 4.42 -21.45
CA SER C 172 23.40 3.97 -21.84
C SER C 172 22.32 4.35 -20.82
N ASN C 173 21.06 4.17 -21.22
CA ASN C 173 19.94 4.47 -20.37
C ASN C 173 18.81 3.46 -20.70
N LEU C 174 19.01 2.27 -20.17
CA LEU C 174 18.14 1.11 -20.42
C LEU C 174 17.02 1.14 -19.40
N SER C 175 15.78 0.96 -19.85
CA SER C 175 14.65 0.84 -18.94
C SER C 175 13.45 0.14 -19.54
N ILE C 176 12.58 -0.29 -18.63
CA ILE C 176 11.35 -0.95 -18.94
C ILE C 176 10.23 -0.18 -18.26
N VAL C 177 9.12 0.04 -18.97
CA VAL C 177 7.92 0.66 -18.42
C VAL C 177 6.71 -0.25 -18.65
N ASN C 178 6.04 -0.61 -17.56
CA ASN C 178 4.90 -1.46 -17.55
C ASN C 178 3.66 -0.64 -17.35
N LEU C 179 2.67 -0.85 -18.24
CA LEU C 179 1.43 -0.11 -18.13
C LEU C 179 0.53 -0.86 -17.13
N CYS C 180 0.37 -0.22 -15.97
CA CYS C 180 -0.31 -0.82 -14.82
C CYS C 180 -1.74 -0.26 -14.77
N ASP C 181 -2.35 -0.15 -13.59
CA ASP C 181 -3.73 0.30 -13.44
C ASP C 181 -3.87 0.97 -12.08
N ALA C 182 -4.26 2.24 -12.10
CA ALA C 182 -4.37 3.03 -10.87
C ALA C 182 -5.45 2.49 -9.96
N MET C 183 -6.44 1.78 -10.50
CA MET C 183 -7.58 1.26 -9.73
C MET C 183 -7.40 -0.19 -9.30
N VAL C 184 -6.17 -0.67 -9.32
CA VAL C 184 -5.88 -2.06 -9.00
C VAL C 184 -6.36 -2.54 -7.63
N ASP C 185 -6.48 -1.62 -6.67
CA ASP C 185 -7.01 -1.98 -5.36
C ASP C 185 -8.47 -1.67 -5.08
N GLN C 186 -9.14 -1.18 -6.10
CA GLN C 186 -10.59 -1.03 -6.04
C GLN C 186 -11.10 -1.58 -7.37
N PRO C 187 -11.08 -2.89 -7.52
CA PRO C 187 -11.20 -3.43 -8.88
C PRO C 187 -12.64 -3.36 -9.45
N CYS C 188 -12.79 -3.33 -10.78
CA CYS C 188 -14.12 -3.44 -11.38
C CYS C 188 -14.76 -4.78 -11.06
N MET C 189 -16.05 -4.76 -10.80
CA MET C 189 -16.79 -5.95 -10.51
C MET C 189 -16.70 -6.94 -11.66
N ALA C 190 -16.42 -8.18 -11.32
CA ALA C 190 -16.34 -9.30 -12.27
C ALA C 190 -15.11 -9.32 -13.18
N PHE C 191 -14.10 -8.52 -12.84
CA PHE C 191 -12.84 -8.49 -13.56
C PHE C 191 -11.67 -9.16 -12.81
N SER C 192 -11.90 -10.32 -12.21
CA SER C 192 -10.89 -10.98 -11.36
C SER C 192 -9.60 -11.27 -12.10
N LEU C 193 -9.67 -11.93 -13.24
CA LEU C 193 -8.43 -12.32 -13.97
C LEU C 193 -7.67 -11.10 -14.46
N TYR C 194 -8.38 -10.09 -14.96
CA TYR C 194 -7.70 -8.89 -15.42
C TYR C 194 -6.99 -8.28 -14.21
N ASN C 195 -7.69 -8.15 -13.09
CA ASN C 195 -7.09 -7.52 -11.89
C ASN C 195 -5.93 -8.36 -11.38
N MET C 196 -6.10 -9.69 -11.38
CA MET C 196 -4.96 -10.56 -11.04
C MET C 196 -3.74 -10.34 -11.92
N GLY C 197 -3.97 -10.15 -13.22
CA GLY C 197 -2.89 -9.90 -14.17
C GLY C 197 -2.17 -8.61 -13.89
N LYS C 198 -2.93 -7.56 -13.61
CA LYS C 198 -2.36 -6.25 -13.29
C LYS C 198 -1.60 -6.23 -11.94
N HIS C 199 -2.11 -6.97 -10.97
CA HIS C 199 -1.42 -7.11 -9.69
C HIS C 199 -0.12 -7.85 -9.88
N ALA C 200 -0.15 -8.95 -10.65
CA ALA C 200 1.11 -9.64 -10.97
C ALA C 200 2.09 -8.71 -11.68
N LEU C 201 1.59 -7.85 -12.55
CA LEU C 201 2.45 -6.88 -13.21
C LEU C 201 3.17 -5.91 -12.23
N VAL C 202 2.46 -5.49 -11.18
CA VAL C 202 3.12 -4.71 -10.10
C VAL C 202 4.28 -5.51 -9.50
N GLY C 203 3.96 -6.78 -9.23
CA GLY C 203 4.93 -7.71 -8.72
C GLY C 203 6.17 -7.79 -9.60
N LEU C 204 5.93 -7.96 -10.91
CA LEU C 204 7.03 -8.03 -11.87
C LEU C 204 7.88 -6.74 -11.88
N THR C 205 7.20 -5.61 -11.88
CA THR C 205 7.84 -4.34 -11.86
C THR C 205 8.83 -4.21 -10.69
N GLN C 206 8.38 -4.60 -9.50
CA GLN C 206 9.20 -4.51 -8.30
C GLN C 206 10.32 -5.54 -8.31
N SER C 207 9.98 -6.78 -8.66
CA SER C 207 10.92 -7.88 -8.68
C SER C 207 12.03 -7.61 -9.71
N ALA C 208 11.64 -7.23 -10.92
CA ALA C 208 12.61 -6.92 -12.00
C ALA C 208 13.44 -5.67 -11.72
N ALA C 209 12.82 -4.66 -11.08
CA ALA C 209 13.58 -3.48 -10.61
C ALA C 209 14.75 -3.91 -9.72
N LEU C 210 14.44 -4.76 -8.75
N LEU C 210 14.47 -4.75 -8.74
CA LEU C 210 15.43 -5.24 -7.80
CA LEU C 210 15.52 -5.21 -7.85
C LEU C 210 16.53 -6.06 -8.49
C LEU C 210 16.58 -5.98 -8.62
N GLU C 211 16.13 -6.96 -9.39
CA GLU C 211 17.05 -7.94 -9.98
C GLU C 211 17.89 -7.43 -11.11
N LEU C 212 17.34 -6.47 -11.87
CA LEU C 212 18.05 -5.90 -13.00
C LEU C 212 18.76 -4.61 -12.66
N ALA C 213 18.64 -4.13 -11.42
CA ALA C 213 19.36 -2.91 -11.00
C ALA C 213 20.87 -3.01 -11.19
N PRO C 214 21.45 -4.18 -10.91
CA PRO C 214 22.91 -4.31 -11.13
C PRO C 214 23.35 -4.16 -12.58
N TYR C 215 22.45 -4.36 -13.53
CA TYR C 215 22.76 -4.21 -14.92
C TYR C 215 22.41 -2.82 -15.42
N GLY C 216 22.05 -1.92 -14.53
CA GLY C 216 21.66 -0.58 -14.96
C GLY C 216 20.30 -0.50 -15.65
N ILE C 217 19.54 -1.60 -15.66
CA ILE C 217 18.19 -1.57 -16.23
C ILE C 217 17.20 -1.11 -15.17
N ARG C 218 16.59 0.05 -15.38
CA ARG C 218 15.52 0.52 -14.50
C ARG C 218 14.21 -0.12 -14.95
N VAL C 219 13.33 -0.39 -13.99
CA VAL C 219 12.01 -0.96 -14.27
C VAL C 219 10.92 -0.21 -13.49
N ASN C 220 10.01 0.44 -14.23
CA ASN C 220 8.99 1.27 -13.61
C ASN C 220 7.63 1.05 -14.24
N GLY C 221 6.60 1.72 -13.70
CA GLY C 221 5.26 1.58 -14.19
C GLY C 221 4.56 2.92 -14.33
N VAL C 222 3.56 2.93 -15.19
CA VAL C 222 2.65 4.02 -15.37
C VAL C 222 1.24 3.46 -15.23
N ALA C 223 0.47 4.01 -14.31
CA ALA C 223 -0.87 3.47 -13.97
C ALA C 223 -1.94 4.48 -14.33
N PRO C 224 -2.60 4.30 -15.47
CA PRO C 224 -3.69 5.19 -15.86
C PRO C 224 -4.90 4.94 -15.00
N GLY C 225 -5.79 5.93 -14.88
CA GLY C 225 -7.11 5.75 -14.27
C GLY C 225 -8.14 5.39 -15.33
N VAL C 226 -8.85 6.38 -15.85
CA VAL C 226 -9.63 6.24 -17.07
C VAL C 226 -9.00 7.11 -18.15
N SER C 227 -8.78 6.48 -19.32
CA SER C 227 -8.14 7.14 -20.48
C SER C 227 -8.78 6.68 -21.80
N LEU C 228 -9.08 7.63 -22.68
CA LEU C 228 -9.60 7.33 -24.00
C LEU C 228 -10.82 6.45 -23.96
N LEU C 229 -11.93 7.04 -23.56
CA LEU C 229 -13.15 6.26 -23.56
C LEU C 229 -13.50 5.97 -25.02
N PRO C 230 -13.82 4.71 -25.35
CA PRO C 230 -14.19 4.46 -26.75
C PRO C 230 -15.45 5.27 -27.17
N VAL C 231 -15.56 5.56 -28.46
CA VAL C 231 -16.86 5.92 -29.03
C VAL C 231 -17.77 4.67 -28.93
N ALA C 232 -17.13 3.49 -28.90
CA ALA C 232 -17.78 2.22 -28.51
C ALA C 232 -18.12 2.15 -27.00
N MET C 233 -18.97 3.08 -26.55
CA MET C 233 -19.41 3.20 -25.16
C MET C 233 -20.57 4.21 -25.08
N GLY C 234 -21.66 3.83 -24.42
CA GLY C 234 -22.78 4.74 -24.25
C GLY C 234 -22.34 5.94 -23.45
N GLU C 235 -23.11 7.01 -23.52
CA GLU C 235 -22.73 8.21 -22.80
C GLU C 235 -23.42 8.47 -21.52
N GLU C 236 -24.40 7.65 -21.17
CA GLU C 236 -24.69 7.50 -19.75
C GLU C 236 -23.35 7.02 -19.17
N GLU C 237 -22.81 5.97 -19.76
CA GLU C 237 -21.61 5.29 -19.25
C GLU C 237 -20.35 6.16 -19.26
N LYS C 238 -20.05 6.81 -20.37
CA LYS C 238 -18.90 7.70 -20.42
C LYS C 238 -19.06 8.83 -19.41
N ASP C 239 -20.23 9.47 -19.41
CA ASP C 239 -20.47 10.59 -18.49
C ASP C 239 -20.24 10.07 -17.09
N LYS C 240 -20.69 8.83 -16.84
CA LYS C 240 -20.61 8.27 -15.51
C LYS C 240 -19.17 8.20 -15.02
N TRP C 241 -18.25 7.79 -15.91
CA TRP C 241 -16.82 7.69 -15.57
C TRP C 241 -16.21 9.09 -15.46
N ARG C 242 -16.51 9.95 -16.43
CA ARG C 242 -15.93 11.28 -16.44
C ARG C 242 -16.28 12.03 -15.19
N ARG C 243 -17.51 11.91 -14.74
CA ARG C 243 -18.02 12.67 -13.60
C ARG C 243 -17.33 12.33 -12.27
N LYS C 244 -16.71 11.16 -12.20
CA LYS C 244 -16.02 10.71 -11.01
C LYS C 244 -14.57 11.21 -10.89
N VAL C 245 -13.98 11.72 -11.97
CA VAL C 245 -12.58 12.16 -11.97
C VAL C 245 -12.45 13.55 -11.34
N PRO C 246 -11.79 13.62 -10.15
CA PRO C 246 -11.71 14.95 -9.54
C PRO C 246 -11.06 16.00 -10.42
N LEU C 247 -9.96 15.66 -11.11
CA LEU C 247 -9.24 16.65 -11.87
C LEU C 247 -9.79 16.84 -13.28
N GLY C 248 -10.78 17.73 -13.40
CA GLY C 248 -11.34 18.10 -14.71
C GLY C 248 -12.56 17.31 -15.16
N ARG C 249 -12.98 16.32 -14.39
CA ARG C 249 -14.15 15.54 -14.77
C ARG C 249 -14.04 15.01 -16.20
N ARG C 250 -12.88 14.44 -16.53
CA ARG C 250 -12.61 13.91 -17.84
C ARG C 250 -11.50 12.86 -17.74
N GLU C 251 -11.52 11.97 -18.71
CA GLU C 251 -10.49 10.96 -18.92
C GLU C 251 -9.17 11.57 -19.31
N ALA C 252 -8.10 10.82 -19.10
CA ALA C 252 -6.82 11.20 -19.65
C ALA C 252 -6.79 11.01 -21.15
N SER C 253 -6.03 11.85 -21.82
CA SER C 253 -5.72 11.64 -23.24
C SER C 253 -4.61 10.60 -23.31
N ALA C 254 -4.51 9.91 -24.42
CA ALA C 254 -3.42 9.00 -24.60
C ALA C 254 -2.08 9.69 -24.46
N GLU C 255 -1.96 10.91 -25.00
CA GLU C 255 -0.77 11.70 -24.83
C GLU C 255 -0.36 11.97 -23.37
N GLN C 256 -1.33 12.26 -22.50
CA GLN C 256 -0.97 12.45 -21.09
C GLN C 256 -0.36 11.18 -20.46
N ILE C 257 -0.91 10.02 -20.79
CA ILE C 257 -0.29 8.74 -20.36
C ILE C 257 1.13 8.60 -20.92
N ALA C 258 1.26 8.86 -22.21
CA ALA C 258 2.60 8.82 -22.82
C ALA C 258 3.61 9.74 -22.17
N ASP C 259 3.16 10.92 -21.71
CA ASP C 259 4.10 11.89 -21.10
C ASP C 259 4.85 11.26 -19.89
N ALA C 260 4.14 10.42 -19.15
CA ALA C 260 4.73 9.81 -17.94
C ALA C 260 5.71 8.75 -18.34
N VAL C 261 5.42 8.06 -19.46
CA VAL C 261 6.33 7.03 -19.93
C VAL C 261 7.64 7.69 -20.37
N ILE C 262 7.52 8.78 -21.14
CA ILE C 262 8.64 9.58 -21.62
C ILE C 262 9.55 10.05 -20.47
N PHE C 263 8.94 10.53 -19.40
CA PHE C 263 9.69 10.96 -18.22
C PHE C 263 10.48 9.80 -17.64
N LEU C 264 9.80 8.67 -17.51
CA LEU C 264 10.45 7.55 -16.84
C LEU C 264 11.59 6.99 -17.66
N VAL C 265 11.51 7.06 -18.99
CA VAL C 265 12.60 6.55 -19.79
C VAL C 265 13.71 7.57 -19.91
N SER C 266 13.42 8.84 -19.56
CA SER C 266 14.39 9.90 -19.72
C SER C 266 15.51 9.94 -18.70
N GLY C 267 16.49 10.80 -18.98
CA GLY C 267 17.62 11.04 -18.07
C GLY C 267 17.20 11.78 -16.81
N SER C 268 16.05 12.38 -16.82
CA SER C 268 15.47 13.00 -15.59
C SER C 268 14.90 11.98 -14.58
N ALA C 269 14.90 10.69 -14.93
CA ALA C 269 14.44 9.65 -14.02
C ALA C 269 15.55 8.65 -13.75
N GLN C 270 16.80 9.12 -13.81
CA GLN C 270 17.94 8.21 -13.72
C GLN C 270 18.05 7.42 -12.42
N TYR C 271 17.47 7.95 -11.33
CA TYR C 271 17.53 7.26 -10.05
C TYR C 271 16.22 6.54 -9.74
N ILE C 272 15.26 6.62 -10.65
CA ILE C 272 13.96 6.02 -10.39
C ILE C 272 13.91 4.61 -10.90
N THR C 273 13.75 3.66 -9.98
CA THR C 273 13.42 2.29 -10.36
C THR C 273 12.46 1.68 -9.35
N GLY C 274 11.60 0.83 -9.85
CA GLY C 274 10.53 0.17 -9.09
C GLY C 274 9.38 1.07 -8.65
N SER C 275 9.25 2.22 -9.32
CA SER C 275 8.22 3.17 -9.04
C SER C 275 7.08 3.07 -10.04
N ILE C 276 5.86 3.20 -9.54
CA ILE C 276 4.64 3.21 -10.35
C ILE C 276 3.95 4.56 -10.20
N ILE C 277 3.92 5.32 -11.29
CA ILE C 277 3.35 6.66 -11.28
C ILE C 277 1.91 6.57 -11.70
N LYS C 278 0.97 6.89 -10.81
CA LYS C 278 -0.43 7.03 -11.25
C LYS C 278 -0.58 8.29 -12.09
N VAL C 279 -1.37 8.15 -13.16
CA VAL C 279 -1.81 9.24 -14.05
C VAL C 279 -3.31 9.11 -14.19
N ASP C 280 -4.01 9.56 -13.15
CA ASP C 280 -5.41 9.25 -12.94
C ASP C 280 -6.33 10.42 -12.56
N GLY C 281 -5.80 11.64 -12.53
CA GLY C 281 -6.65 12.79 -12.19
C GLY C 281 -7.31 12.64 -10.82
N GLY C 282 -6.68 11.83 -9.97
CA GLY C 282 -7.16 11.63 -8.60
C GLY C 282 -8.27 10.61 -8.46
N LEU C 283 -8.59 9.89 -9.54
CA LEU C 283 -9.69 8.91 -9.50
C LEU C 283 -9.58 7.84 -8.40
N SER C 284 -8.36 7.35 -8.18
CA SER C 284 -8.12 6.28 -7.23
C SER C 284 -8.37 6.72 -5.79
N LEU C 285 -8.41 8.04 -5.54
CA LEU C 285 -8.61 8.56 -4.20
C LEU C 285 -10.11 8.74 -3.81
N VAL C 286 -11.01 8.51 -4.76
CA VAL C 286 -12.45 8.85 -4.58
C VAL C 286 -13.14 7.67 -3.94
N HIS C 287 -13.65 7.81 -2.73
CA HIS C 287 -14.33 6.70 -2.08
C HIS C 287 -15.64 6.39 -2.80
N ALA C 288 -16.22 5.23 -2.51
CA ALA C 288 -17.53 4.89 -3.06
C ALA C 288 -18.63 5.87 -2.65
N GLU D 22 3.88 37.38 -16.84
CA GLU D 22 5.35 37.26 -16.62
C GLU D 22 5.72 35.80 -16.33
N ALA D 23 6.75 35.59 -15.52
CA ALA D 23 7.17 34.29 -15.09
C ALA D 23 6.38 33.80 -13.86
N PRO D 24 6.16 32.47 -13.78
CA PRO D 24 5.48 31.94 -12.62
C PRO D 24 6.35 32.03 -11.37
N ALA D 25 5.74 31.85 -10.21
CA ALA D 25 6.50 31.93 -8.96
C ALA D 25 6.29 30.68 -8.10
N ALA D 26 7.36 30.30 -7.41
CA ALA D 26 7.35 29.13 -6.54
C ALA D 26 7.86 29.52 -5.17
N VAL D 27 7.22 28.94 -4.16
CA VAL D 27 7.75 28.90 -2.81
C VAL D 27 8.35 27.54 -2.57
N VAL D 28 9.60 27.52 -2.11
CA VAL D 28 10.28 26.32 -1.66
C VAL D 28 10.62 26.47 -0.16
N THR D 29 10.07 25.60 0.69
CA THR D 29 10.40 25.71 2.11
C THR D 29 11.72 25.00 2.39
N GLY D 30 12.53 25.53 3.30
CA GLY D 30 13.83 24.92 3.71
C GLY D 30 14.75 24.87 2.49
N ALA D 31 14.76 25.97 1.73
CA ALA D 31 15.46 26.10 0.42
C ALA D 31 16.91 26.61 0.44
N ALA D 32 17.46 26.84 1.62
CA ALA D 32 18.79 27.47 1.73
C ALA D 32 19.91 26.48 1.43
N LYS D 33 19.66 25.20 1.74
CA LYS D 33 20.66 24.16 1.62
C LYS D 33 20.12 22.87 1.02
N ARG D 34 21.04 21.97 0.67
CA ARG D 34 20.72 20.59 0.32
C ARG D 34 19.61 20.45 -0.73
N ILE D 35 18.63 19.59 -0.46
CA ILE D 35 17.68 19.23 -1.46
C ILE D 35 16.80 20.40 -1.82
N GLY D 36 16.34 21.16 -0.81
CA GLY D 36 15.54 22.35 -1.08
C GLY D 36 16.25 23.33 -2.00
N ARG D 37 17.53 23.57 -1.75
CA ARG D 37 18.34 24.47 -2.57
C ARG D 37 18.38 24.00 -4.03
N ALA D 38 18.73 22.73 -4.24
CA ALA D 38 18.70 22.15 -5.59
C ALA D 38 17.34 22.33 -6.27
N ILE D 39 16.23 22.16 -5.54
CA ILE D 39 14.90 22.36 -6.13
C ILE D 39 14.66 23.82 -6.54
N ALA D 40 15.05 24.73 -5.65
CA ALA D 40 14.98 26.15 -5.97
C ALA D 40 15.80 26.47 -7.21
N VAL D 41 17.04 25.97 -7.26
CA VAL D 41 17.97 26.23 -8.36
C VAL D 41 17.31 25.74 -9.65
N LYS D 42 16.78 24.52 -9.60
CA LYS D 42 16.20 23.92 -10.78
C LYS D 42 14.91 24.60 -11.22
N LEU D 43 14.04 25.00 -10.28
CA LEU D 43 12.84 25.75 -10.63
C LEU D 43 13.24 27.11 -11.25
N HIS D 44 14.29 27.71 -10.72
CA HIS D 44 14.73 29.02 -11.22
C HIS D 44 15.27 28.88 -12.66
N GLN D 45 16.04 27.83 -12.92
CA GLN D 45 16.56 27.53 -14.26
C GLN D 45 15.47 27.20 -15.26
N THR D 46 14.31 26.77 -14.77
CA THR D 46 13.19 26.43 -15.60
C THR D 46 12.41 27.69 -15.91
N GLY D 47 12.74 28.81 -15.29
CA GLY D 47 12.01 30.03 -15.55
C GLY D 47 11.16 30.60 -14.41
N TYR D 48 11.18 29.95 -13.23
CA TYR D 48 10.41 30.44 -12.08
C TYR D 48 11.17 31.52 -11.33
N ARG D 49 10.37 32.43 -10.80
CA ARG D 49 10.82 33.27 -9.71
C ARG D 49 10.53 32.52 -8.43
N VAL D 50 11.40 32.66 -7.44
CA VAL D 50 11.37 31.80 -6.28
C VAL D 50 11.42 32.56 -4.94
N VAL D 51 10.67 32.05 -3.96
CA VAL D 51 10.83 32.44 -2.56
C VAL D 51 11.58 31.32 -1.91
N ILE D 52 12.77 31.69 -1.42
CA ILE D 52 13.63 30.82 -0.68
C ILE D 52 13.30 30.96 0.79
N HIS D 53 12.53 30.02 1.37
CA HIS D 53 12.26 30.05 2.79
C HIS D 53 13.39 29.33 3.50
N TYR D 54 13.65 29.78 4.71
CA TYR D 54 14.68 29.24 5.53
C TYR D 54 14.31 29.52 6.98
N HIS D 55 14.99 28.84 7.90
CA HIS D 55 14.72 29.00 9.32
C HIS D 55 16.00 29.51 9.95
N ASN D 56 17.02 28.68 10.08
CA ASN D 56 18.32 29.11 10.62
C ASN D 56 19.42 29.47 9.64
N SER D 57 19.32 29.04 8.38
CA SER D 57 20.46 29.13 7.45
C SER D 57 20.41 30.44 6.67
N ALA D 58 20.57 31.55 7.41
CA ALA D 58 20.36 32.89 6.86
C ALA D 58 21.36 33.20 5.76
N GLU D 59 22.64 32.95 6.03
CA GLU D 59 23.72 33.25 5.10
C GLU D 59 23.55 32.52 3.80
N ALA D 60 23.34 31.21 3.91
CA ALA D 60 23.19 30.35 2.74
C ALA D 60 22.01 30.80 1.91
N ALA D 61 20.94 31.15 2.57
CA ALA D 61 19.77 31.65 1.89
C ALA D 61 19.97 32.94 1.09
N VAL D 62 20.51 33.97 1.77
CA VAL D 62 20.74 35.27 1.12
C VAL D 62 21.74 35.04 -0.02
N SER D 63 22.76 34.25 0.23
CA SER D 63 23.76 33.94 -0.79
C SER D 63 23.13 33.28 -2.03
N LEU D 64 22.17 32.38 -1.80
CA LEU D 64 21.43 31.80 -2.90
C LEU D 64 20.59 32.84 -3.66
N ALA D 65 19.79 33.64 -2.97
CA ALA D 65 19.03 34.71 -3.59
C ALA D 65 19.91 35.63 -4.48
N ASP D 66 21.07 35.99 -3.96
CA ASP D 66 22.03 36.83 -4.72
C ASP D 66 22.41 36.17 -6.02
N GLU D 67 22.81 34.90 -5.89
CA GLU D 67 23.29 34.15 -7.02
C GLU D 67 22.20 34.02 -8.05
N LEU D 68 20.97 33.76 -7.63
CA LEU D 68 19.87 33.66 -8.57
C LEU D 68 19.46 35.01 -9.17
N ASN D 69 19.48 36.07 -8.37
CA ASN D 69 19.23 37.42 -8.89
C ASN D 69 20.34 37.96 -9.81
N LYS D 70 21.57 37.64 -9.49
CA LYS D 70 22.68 37.97 -10.41
C LYS D 70 22.41 37.35 -11.76
N GLU D 71 21.83 36.15 -11.78
CA GLU D 71 21.50 35.44 -13.00
C GLU D 71 20.32 36.06 -13.73
N ARG D 72 19.24 36.36 -13.01
CA ARG D 72 18.09 37.14 -13.57
C ARG D 72 17.57 38.10 -12.50
N SER D 73 17.66 39.41 -12.75
CA SER D 73 17.36 40.35 -11.67
C SER D 73 15.89 40.29 -11.24
N ASN D 74 15.67 40.50 -9.95
CA ASN D 74 14.33 40.50 -9.33
C ASN D 74 13.56 39.15 -9.47
N THR D 75 14.30 38.04 -9.34
CA THR D 75 13.68 36.71 -9.48
C THR D 75 13.76 35.80 -8.22
N ALA D 76 14.50 36.21 -7.18
CA ALA D 76 14.51 35.49 -5.92
C ALA D 76 14.39 36.44 -4.73
N VAL D 77 13.67 36.02 -3.69
CA VAL D 77 13.72 36.63 -2.37
C VAL D 77 13.84 35.55 -1.29
N VAL D 78 14.30 35.94 -0.12
CA VAL D 78 14.27 35.06 1.04
C VAL D 78 13.06 35.35 1.90
N CYS D 79 12.66 34.35 2.69
CA CYS D 79 11.57 34.50 3.66
C CYS D 79 11.82 33.61 4.87
N GLN D 80 11.97 34.24 6.04
CA GLN D 80 12.36 33.52 7.23
C GLN D 80 11.13 33.10 8.01
N ALA D 81 11.11 31.85 8.45
CA ALA D 81 10.05 31.42 9.36
C ALA D 81 10.38 30.10 10.02
N ASP D 82 10.03 30.03 11.28
CA ASP D 82 9.99 28.83 12.02
C ASP D 82 8.70 28.04 11.68
N LEU D 83 8.83 26.75 11.37
CA LEU D 83 7.67 25.92 10.98
C LEU D 83 7.34 24.83 12.03
N THR D 84 7.90 24.99 13.22
CA THR D 84 7.44 24.28 14.39
C THR D 84 6.00 24.59 14.68
N ASN D 85 5.26 23.59 15.16
CA ASN D 85 3.85 23.79 15.49
C ASN D 85 3.72 24.75 16.68
N SER D 86 2.70 25.60 16.62
CA SER D 86 2.36 26.51 17.70
C SER D 86 1.05 27.15 17.29
N ASN D 87 0.52 28.05 18.11
CA ASN D 87 -0.71 28.70 17.78
C ASN D 87 -0.57 29.79 16.73
N VAL D 88 0.66 30.23 16.47
CA VAL D 88 0.94 31.23 15.44
C VAL D 88 1.45 30.63 14.10
N LEU D 89 1.56 29.30 14.05
CA LEU D 89 2.03 28.65 12.84
C LEU D 89 1.12 28.98 11.67
N PRO D 90 -0.20 29.05 11.89
CA PRO D 90 -1.01 29.40 10.73
C PRO D 90 -0.72 30.77 10.15
N ALA D 91 -0.55 31.76 11.02
CA ALA D 91 -0.10 33.08 10.57
C ALA D 91 1.23 33.04 9.91
N SER D 92 2.20 32.26 10.40
CA SER D 92 3.47 32.21 9.74
C SER D 92 3.37 31.60 8.34
N CYS D 93 2.61 30.53 8.21
CA CYS D 93 2.34 29.95 6.89
C CYS D 93 1.61 30.93 5.96
N GLU D 94 0.64 31.66 6.48
CA GLU D 94 -0.07 32.63 5.64
C GLU D 94 0.93 33.69 5.12
N GLU D 95 1.91 34.06 5.95
CA GLU D 95 2.89 35.13 5.62
C GLU D 95 3.87 34.64 4.58
N ILE D 96 4.26 33.37 4.66
CA ILE D 96 5.07 32.80 3.59
C ILE D 96 4.38 32.95 2.25
N ILE D 97 3.09 32.54 2.13
CA ILE D 97 2.41 32.62 0.84
C ILE D 97 2.22 34.13 0.49
N ASN D 98 1.91 34.95 1.50
CA ASN D 98 1.89 36.38 1.29
C ASN D 98 3.20 36.98 0.76
N SER D 99 4.35 36.50 1.23
CA SER D 99 5.63 37.01 0.79
C SER D 99 5.89 36.72 -0.67
N CYS D 100 5.33 35.62 -1.19
CA CYS D 100 5.43 35.31 -2.62
C CYS D 100 4.59 36.28 -3.46
N PHE D 101 3.34 36.53 -3.06
CA PHE D 101 2.52 37.50 -3.76
C PHE D 101 3.09 38.89 -3.63
N ARG D 102 3.63 39.20 -2.47
CA ARG D 102 4.19 40.53 -2.22
C ARG D 102 5.33 40.78 -3.20
N ALA D 103 6.19 39.79 -3.37
CA ALA D 103 7.37 39.93 -4.22
C ALA D 103 7.09 39.71 -5.70
N PHE D 104 6.13 38.86 -6.06
CA PHE D 104 5.99 38.51 -7.47
C PHE D 104 4.60 38.63 -8.04
N GLY D 105 3.61 38.97 -7.24
CA GLY D 105 2.26 39.13 -7.74
C GLY D 105 1.46 37.85 -7.96
N ARG D 106 2.05 36.71 -7.63
CA ARG D 106 1.40 35.45 -7.91
C ARG D 106 2.17 34.38 -7.19
N CYS D 107 1.52 33.23 -7.01
CA CYS D 107 2.11 32.04 -6.40
C CYS D 107 1.58 30.76 -7.10
N ASP D 108 2.44 30.14 -7.91
CA ASP D 108 2.00 29.05 -8.76
C ASP D 108 2.33 27.69 -8.21
N VAL D 109 3.48 27.59 -7.58
CA VAL D 109 4.01 26.35 -7.05
C VAL D 109 4.33 26.51 -5.57
N LEU D 110 3.85 25.55 -4.78
CA LEU D 110 4.35 25.37 -3.42
C LEU D 110 5.10 24.07 -3.31
N VAL D 111 6.37 24.10 -2.82
CA VAL D 111 7.12 22.87 -2.54
C VAL D 111 7.36 22.76 -1.01
N ASN D 112 6.70 21.78 -0.38
CA ASN D 112 6.87 21.50 1.04
C ASN D 112 8.03 20.58 1.32
N ASN D 113 9.19 21.20 1.54
CA ASN D 113 10.46 20.54 1.67
C ASN D 113 11.05 20.59 3.07
N ALA D 114 10.87 21.70 3.81
CA ALA D 114 11.48 21.82 5.13
C ALA D 114 11.06 20.68 6.07
N SER D 115 11.99 20.18 6.87
CA SER D 115 11.69 19.00 7.70
C SER D 115 12.69 18.82 8.80
N ALA D 116 12.20 18.61 10.02
CA ALA D 116 13.04 18.19 11.11
C ALA D 116 13.14 16.68 11.09
N PHE D 117 14.31 16.16 11.47
CA PHE D 117 14.59 14.76 11.44
C PHE D 117 15.56 14.38 12.54
N TYR D 118 15.08 13.62 13.54
CA TYR D 118 15.93 13.18 14.63
C TYR D 118 15.19 12.09 15.43
N PRO D 119 15.91 11.25 16.16
CA PRO D 119 15.21 10.18 16.86
C PRO D 119 14.41 10.68 18.05
N THR D 120 13.32 9.99 18.35
CA THR D 120 12.46 10.26 19.51
C THR D 120 12.07 8.93 20.09
N PRO D 121 13.00 8.27 20.80
CA PRO D 121 12.69 6.90 21.28
C PRO D 121 11.50 6.81 22.23
N LEU D 122 10.79 5.70 22.17
CA LEU D 122 9.61 5.48 23.00
C LEU D 122 9.98 5.14 24.43
N VAL D 123 11.11 4.48 24.61
CA VAL D 123 11.63 4.05 25.91
C VAL D 123 12.93 4.81 26.17
N GLN D 124 13.00 5.52 27.29
CA GLN D 124 14.20 6.33 27.63
C GLN D 124 15.27 5.51 28.37
N ASN D 132 19.77 18.03 21.51
CA ASN D 132 18.74 17.47 22.38
C ASN D 132 18.43 18.32 23.64
N GLY D 133 18.43 17.74 24.84
CA GLY D 133 17.76 18.36 25.98
C GLY D 133 16.25 18.33 25.78
N LYS D 134 15.79 18.52 24.53
CA LYS D 134 14.38 18.76 24.17
C LYS D 134 13.33 17.99 24.91
N THR D 135 12.30 18.72 25.30
CA THR D 135 11.09 18.14 25.87
C THR D 135 10.38 17.35 24.78
N VAL D 136 9.56 16.41 25.18
CA VAL D 136 8.75 15.69 24.20
C VAL D 136 7.76 16.67 23.51
N GLU D 137 7.24 17.66 24.22
CA GLU D 137 6.30 18.59 23.53
C GLU D 137 7.00 19.34 22.41
N THR D 138 8.27 19.67 22.61
CA THR D 138 9.10 20.31 21.58
C THR D 138 9.38 19.36 20.40
N GLN D 139 9.76 18.13 20.71
CA GLN D 139 9.92 17.09 19.69
C GLN D 139 8.64 16.92 18.83
N VAL D 140 7.49 16.83 19.49
CA VAL D 140 6.22 16.75 18.83
C VAL D 140 5.98 17.99 17.90
N ALA D 141 6.17 19.18 18.47
CA ALA D 141 5.94 20.40 17.75
C ALA D 141 6.87 20.49 16.52
N GLU D 142 8.13 20.12 16.65
CA GLU D 142 9.09 20.25 15.53
C GLU D 142 8.85 19.22 14.46
N LEU D 143 8.82 17.95 14.85
CA LEU D 143 8.70 16.84 13.89
C LEU D 143 7.32 16.81 13.21
N ILE D 144 6.23 16.98 13.97
CA ILE D 144 4.89 16.97 13.41
C ILE D 144 4.56 18.33 12.72
N GLY D 145 5.00 19.42 13.31
CA GLY D 145 4.82 20.70 12.65
C GLY D 145 5.51 20.81 11.32
N THR D 146 6.81 20.54 11.24
CA THR D 146 7.55 20.72 9.97
C THR D 146 7.12 19.71 8.88
N ASN D 147 6.92 18.48 9.28
CA ASN D 147 6.60 17.45 8.30
C ASN D 147 5.15 17.33 7.89
N ALA D 148 4.22 17.83 8.72
CA ALA D 148 2.82 17.67 8.47
C ALA D 148 1.96 18.92 8.60
N ILE D 149 2.00 19.58 9.75
CA ILE D 149 1.06 20.66 9.99
C ILE D 149 1.36 21.92 9.17
N ALA D 150 2.62 22.32 9.09
CA ALA D 150 2.96 23.45 8.20
C ALA D 150 2.63 23.16 6.74
N PRO D 151 2.98 21.97 6.23
CA PRO D 151 2.46 21.67 4.89
C PRO D 151 0.96 21.84 4.75
N PHE D 152 0.19 21.41 5.73
CA PHE D 152 -1.26 21.56 5.68
C PHE D 152 -1.63 23.05 5.65
N LEU D 153 -1.04 23.82 6.55
CA LEU D 153 -1.38 25.28 6.67
C LEU D 153 -0.97 26.08 5.47
N LEU D 154 0.21 25.78 4.95
CA LEU D 154 0.69 26.36 3.69
C LEU D 154 -0.15 25.99 2.51
N THR D 155 -0.63 24.74 2.50
CA THR D 155 -1.56 24.33 1.50
C THR D 155 -2.86 25.12 1.60
N MET D 156 -3.41 25.28 2.79
CA MET D 156 -4.58 26.18 2.98
C MET D 156 -4.38 27.60 2.46
N SER D 157 -3.27 28.24 2.87
CA SER D 157 -2.97 29.63 2.51
C SER D 157 -2.78 29.73 0.98
N PHE D 158 -2.11 28.74 0.41
CA PHE D 158 -1.91 28.68 -1.04
C PHE D 158 -3.24 28.67 -1.76
N ALA D 159 -4.15 27.82 -1.32
CA ALA D 159 -5.42 27.65 -2.00
C ALA D 159 -6.30 28.85 -1.81
N GLN D 160 -6.24 29.42 -0.61
CA GLN D 160 -7.07 30.59 -0.29
C GLN D 160 -6.69 31.79 -1.13
N ARG D 161 -5.41 32.02 -1.36
CA ARG D 161 -5.02 33.11 -2.26
C ARG D 161 -5.48 32.91 -3.72
N GLN D 162 -5.58 31.69 -4.19
CA GLN D 162 -5.89 31.49 -5.62
C GLN D 162 -7.37 31.71 -5.93
N SER D 172 -3.64 28.76 -15.93
CA SER D 172 -2.46 28.52 -15.10
C SER D 172 -2.25 27.03 -14.76
N ASN D 173 -1.03 26.70 -14.37
CA ASN D 173 -0.67 25.35 -13.97
C ASN D 173 -0.21 25.38 -12.52
N LEU D 174 -1.19 25.37 -11.62
CA LEU D 174 -0.96 25.43 -10.17
C LEU D 174 -0.73 24.03 -9.60
N SER D 175 0.33 23.86 -8.83
CA SER D 175 0.49 22.60 -8.09
C SER D 175 1.33 22.73 -6.85
N ILE D 176 1.24 21.69 -6.02
CA ILE D 176 1.96 21.58 -4.80
C ILE D 176 2.76 20.27 -4.86
N VAL D 177 4.02 20.30 -4.40
CA VAL D 177 4.77 19.07 -4.25
C VAL D 177 5.32 18.92 -2.84
N ASN D 178 4.97 17.79 -2.21
CA ASN D 178 5.39 17.47 -0.87
C ASN D 178 6.55 16.49 -0.88
N LEU D 179 7.56 16.75 -0.09
CA LEU D 179 8.75 15.88 0.00
C LEU D 179 8.42 14.85 1.06
N CYS D 180 8.22 13.61 0.60
CA CYS D 180 7.74 12.55 1.45
C CYS D 180 8.96 11.70 1.79
N ASP D 181 8.79 10.40 1.92
CA ASP D 181 9.87 9.51 2.29
C ASP D 181 9.59 8.11 1.78
N ALA D 182 10.48 7.55 0.97
CA ALA D 182 10.24 6.29 0.35
C ALA D 182 10.24 5.11 1.33
N MET D 183 10.86 5.32 2.49
CA MET D 183 11.04 4.31 3.54
C MET D 183 9.97 4.36 4.62
N VAL D 184 8.87 4.99 4.31
CA VAL D 184 7.88 5.33 5.33
C VAL D 184 7.16 4.07 5.87
N ASP D 185 7.15 2.97 5.12
CA ASP D 185 6.64 1.72 5.70
C ASP D 185 7.69 0.71 6.23
N GLN D 186 8.96 1.10 6.27
CA GLN D 186 10.03 0.34 6.90
C GLN D 186 10.86 1.37 7.69
N PRO D 187 10.28 1.89 8.75
CA PRO D 187 10.82 3.08 9.39
C PRO D 187 12.16 2.83 10.11
N CYS D 188 12.97 3.88 10.21
CA CYS D 188 14.15 3.84 11.08
C CYS D 188 13.75 3.60 12.54
N MET D 189 14.55 2.80 13.21
CA MET D 189 14.34 2.49 14.62
C MET D 189 14.39 3.77 15.42
N ALA D 190 13.44 3.94 16.31
CA ALA D 190 13.32 5.09 17.21
C ALA D 190 12.97 6.42 16.54
N PHE D 191 12.46 6.39 15.30
CA PHE D 191 12.04 7.61 14.61
C PHE D 191 10.51 7.77 14.53
N SER D 192 9.79 7.46 15.62
CA SER D 192 8.32 7.44 15.61
C SER D 192 7.64 8.74 15.14
N LEU D 193 8.05 9.87 15.70
CA LEU D 193 7.40 11.13 15.42
C LEU D 193 7.70 11.56 14.01
N TYR D 194 8.96 11.46 13.59
CA TYR D 194 9.32 11.74 12.23
C TYR D 194 8.46 10.89 11.29
N ASN D 195 8.36 9.59 11.56
CA ASN D 195 7.55 8.70 10.67
C ASN D 195 6.03 9.05 10.69
N MET D 196 5.51 9.35 11.87
CA MET D 196 4.12 9.83 11.96
C MET D 196 3.92 11.09 11.09
N GLY D 197 4.86 12.01 11.19
CA GLY D 197 4.88 13.18 10.31
C GLY D 197 4.80 12.90 8.83
N LYS D 198 5.69 12.05 8.35
CA LYS D 198 5.73 11.72 6.94
C LYS D 198 4.49 10.93 6.51
N HIS D 199 4.00 10.03 7.35
CA HIS D 199 2.72 9.39 7.07
C HIS D 199 1.62 10.41 6.94
N ALA D 200 1.56 11.37 7.86
CA ALA D 200 0.56 12.43 7.80
C ALA D 200 0.64 13.20 6.48
N LEU D 201 1.86 13.44 6.02
CA LEU D 201 2.09 14.19 4.80
C LEU D 201 1.55 13.40 3.54
N VAL D 202 1.67 12.06 3.58
CA VAL D 202 1.00 11.22 2.55
C VAL D 202 -0.49 11.48 2.59
N GLY D 203 -1.08 11.45 3.79
CA GLY D 203 -2.52 11.72 3.92
C GLY D 203 -2.93 13.09 3.43
N LEU D 204 -2.15 14.11 3.75
CA LEU D 204 -2.40 15.44 3.23
C LEU D 204 -2.32 15.48 1.70
N THR D 205 -1.27 14.85 1.14
CA THR D 205 -1.12 14.83 -0.31
C THR D 205 -2.41 14.32 -0.97
N GLN D 206 -2.95 13.22 -0.48
CA GLN D 206 -4.17 12.60 -1.02
C GLN D 206 -5.46 13.43 -0.80
N SER D 207 -5.66 13.85 0.43
CA SER D 207 -6.80 14.68 0.84
C SER D 207 -6.80 15.98 0.08
N ALA D 208 -5.65 16.64 -0.04
CA ALA D 208 -5.62 17.93 -0.75
C ALA D 208 -5.71 17.79 -2.29
N ALA D 209 -5.11 16.74 -2.84
CA ALA D 209 -5.34 16.40 -4.26
C ALA D 209 -6.83 16.30 -4.54
N LEU D 210 -7.53 15.58 -3.69
CA LEU D 210 -8.96 15.37 -3.88
C LEU D 210 -9.71 16.69 -3.76
N GLU D 211 -9.43 17.43 -2.70
CA GLU D 211 -10.21 18.65 -2.38
C GLU D 211 -9.91 19.85 -3.25
N LEU D 212 -8.68 19.95 -3.74
CA LEU D 212 -8.25 21.10 -4.53
C LEU D 212 -8.34 20.90 -6.07
N ALA D 213 -8.66 19.67 -6.49
CA ALA D 213 -8.83 19.36 -7.90
C ALA D 213 -9.86 20.28 -8.59
N PRO D 214 -10.99 20.58 -7.94
CA PRO D 214 -11.93 21.44 -8.64
C PRO D 214 -11.49 22.88 -8.78
N TYR D 215 -10.40 23.26 -8.11
CA TYR D 215 -9.73 24.53 -8.30
C TYR D 215 -8.53 24.39 -9.23
N GLY D 216 -8.36 23.23 -9.87
CA GLY D 216 -7.28 23.05 -10.85
C GLY D 216 -5.90 23.03 -10.19
N ILE D 217 -5.84 22.79 -8.89
CA ILE D 217 -4.57 22.72 -8.16
C ILE D 217 -4.24 21.24 -7.98
N ARG D 218 -3.12 20.82 -8.54
CA ARG D 218 -2.64 19.46 -8.39
C ARG D 218 -1.76 19.34 -7.16
N VAL D 219 -1.86 18.19 -6.48
CA VAL D 219 -1.08 17.96 -5.32
C VAL D 219 -0.42 16.58 -5.37
N ASN D 220 0.90 16.58 -5.36
CA ASN D 220 1.69 15.37 -5.55
C ASN D 220 2.85 15.33 -4.59
N GLY D 221 3.55 14.21 -4.58
CA GLY D 221 4.69 14.02 -3.71
C GLY D 221 5.90 13.42 -4.43
N VAL D 222 7.08 13.70 -3.90
CA VAL D 222 8.31 13.07 -4.29
C VAL D 222 8.91 12.43 -3.02
N ALA D 223 9.21 11.16 -3.11
CA ALA D 223 9.64 10.38 -1.96
C ALA D 223 11.08 9.91 -2.17
N PRO D 224 12.05 10.63 -1.60
CA PRO D 224 13.42 10.14 -1.72
C PRO D 224 13.68 8.92 -0.84
N GLY D 225 14.67 8.10 -1.22
N GLY D 225 14.59 8.08 -1.32
CA GLY D 225 15.16 7.04 -0.35
CA GLY D 225 15.30 7.18 -0.46
C GLY D 225 16.26 7.54 0.59
C GLY D 225 16.43 8.01 0.12
N VAL D 226 17.50 7.41 0.15
N VAL D 226 17.60 7.41 0.28
CA VAL D 226 18.59 8.07 0.85
CA VAL D 226 18.72 8.15 0.82
C VAL D 226 19.25 8.95 -0.20
C VAL D 226 19.27 9.07 -0.29
N SER D 227 19.52 10.20 0.19
N SER D 227 19.42 10.34 0.06
CA SER D 227 19.94 11.23 -0.73
CA SER D 227 19.80 11.41 -0.85
C SER D 227 20.89 12.21 -0.03
C SER D 227 20.80 12.33 -0.14
N LEU D 228 21.80 12.73 -0.84
N LEU D 228 21.83 12.71 -0.87
CA LEU D 228 22.80 13.70 -0.43
CA LEU D 228 22.80 13.71 -0.44
C LEU D 228 23.27 13.50 0.99
C LEU D 228 23.26 13.49 0.99
N LEU D 229 24.16 12.52 1.18
CA LEU D 229 24.65 12.22 2.52
C LEU D 229 25.49 13.42 3.06
N PRO D 230 25.26 13.81 4.35
CA PRO D 230 26.10 14.84 4.98
C PRO D 230 27.59 14.60 4.66
N VAL D 231 28.27 15.62 4.10
CA VAL D 231 29.72 15.52 3.87
C VAL D 231 30.47 15.11 5.17
N ALA D 232 29.97 15.60 6.30
CA ALA D 232 30.55 15.32 7.61
C ALA D 232 30.22 13.93 8.20
N MET D 233 29.25 13.21 7.62
CA MET D 233 28.90 11.86 8.10
C MET D 233 30.13 10.97 7.95
N GLY D 234 30.34 10.08 8.93
CA GLY D 234 31.48 9.16 8.89
C GLY D 234 31.50 8.33 7.62
N GLU D 235 32.68 8.06 7.07
CA GLU D 235 32.75 7.40 5.74
C GLU D 235 32.21 6.00 5.84
N GLU D 236 32.41 5.36 6.98
CA GLU D 236 31.97 4.00 7.19
C GLU D 236 30.44 3.93 7.10
N GLU D 237 29.78 4.87 7.80
CA GLU D 237 28.31 4.96 7.79
C GLU D 237 27.78 5.37 6.40
N LYS D 238 28.45 6.30 5.72
CA LYS D 238 28.07 6.65 4.36
C LYS D 238 28.08 5.39 3.51
N ASP D 239 29.14 4.61 3.61
CA ASP D 239 29.25 3.38 2.82
C ASP D 239 28.12 2.39 3.11
N LYS D 240 27.73 2.30 4.37
CA LYS D 240 26.73 1.37 4.81
C LYS D 240 25.37 1.71 4.15
N TRP D 241 25.11 2.99 3.95
CA TRP D 241 23.88 3.45 3.28
C TRP D 241 23.96 3.19 1.78
N ARG D 242 25.09 3.55 1.19
CA ARG D 242 25.29 3.43 -0.23
C ARG D 242 25.24 1.97 -0.68
N ARG D 243 25.79 1.09 0.14
CA ARG D 243 25.79 -0.35 -0.17
C ARG D 243 24.39 -0.95 -0.26
N LYS D 244 23.41 -0.35 0.41
CA LYS D 244 22.02 -0.86 0.46
C LYS D 244 21.21 -0.61 -0.85
N VAL D 245 21.68 0.31 -1.70
CA VAL D 245 20.90 0.82 -2.82
C VAL D 245 21.12 -0.02 -4.08
N PRO D 246 20.05 -0.67 -4.58
CA PRO D 246 20.26 -1.58 -5.72
C PRO D 246 20.80 -0.91 -6.94
N LEU D 247 20.35 0.30 -7.21
CA LEU D 247 20.68 0.96 -8.45
C LEU D 247 21.88 1.85 -8.24
N GLY D 248 23.05 1.27 -8.52
CA GLY D 248 24.30 2.04 -8.45
C GLY D 248 24.97 2.07 -7.10
N ARG D 249 24.39 1.46 -6.07
CA ARG D 249 25.01 1.51 -4.73
C ARG D 249 25.49 2.90 -4.33
N ARG D 250 24.65 3.90 -4.59
CA ARG D 250 24.91 5.28 -4.23
C ARG D 250 23.60 5.94 -3.84
N GLU D 251 23.70 7.02 -3.05
CA GLU D 251 22.56 7.88 -2.69
C GLU D 251 22.12 8.70 -3.87
N ALA D 252 20.91 9.22 -3.85
CA ALA D 252 20.48 10.17 -4.85
C ALA D 252 21.26 11.48 -4.69
N SER D 253 21.50 12.14 -5.81
CA SER D 253 21.98 13.50 -5.77
C SER D 253 20.80 14.38 -5.45
N ALA D 254 21.06 15.58 -4.89
CA ALA D 254 19.96 16.48 -4.74
C ALA D 254 19.32 16.85 -6.07
N GLU D 255 20.09 16.84 -7.16
CA GLU D 255 19.57 17.20 -8.46
C GLU D 255 18.56 16.16 -8.98
N GLN D 256 18.81 14.90 -8.69
CA GLN D 256 17.93 13.82 -9.11
C GLN D 256 16.57 13.95 -8.43
N ILE D 257 16.58 14.25 -7.14
CA ILE D 257 15.32 14.57 -6.44
C ILE D 257 14.63 15.75 -7.11
N ALA D 258 15.39 16.81 -7.39
CA ALA D 258 14.76 17.99 -8.01
C ALA D 258 14.13 17.67 -9.35
N ASP D 259 14.75 16.76 -10.11
CA ASP D 259 14.24 16.42 -11.44
C ASP D 259 12.79 15.93 -11.33
N ALA D 260 12.48 15.10 -10.34
CA ALA D 260 11.09 14.61 -10.17
C ALA D 260 10.10 15.73 -9.80
N VAL D 261 10.56 16.67 -8.98
CA VAL D 261 9.76 17.89 -8.67
C VAL D 261 9.45 18.67 -9.91
N ILE D 262 10.47 18.91 -10.73
CA ILE D 262 10.33 19.60 -12.00
C ILE D 262 9.30 18.91 -12.91
N PHE D 263 9.35 17.59 -13.01
CA PHE D 263 8.36 16.86 -13.77
C PHE D 263 6.96 17.13 -13.26
N LEU D 264 6.79 17.02 -11.97
CA LEU D 264 5.46 17.11 -11.42
C LEU D 264 4.84 18.50 -11.56
N VAL D 265 5.65 19.56 -11.61
CA VAL D 265 5.06 20.91 -11.75
C VAL D 265 4.85 21.27 -13.23
N SER D 266 5.46 20.50 -14.13
CA SER D 266 5.45 20.78 -15.56
C SER D 266 4.14 20.44 -16.24
N GLY D 267 4.04 20.86 -17.50
CA GLY D 267 2.89 20.57 -18.32
C GLY D 267 2.83 19.13 -18.75
N SER D 268 3.91 18.39 -18.58
CA SER D 268 3.89 16.94 -18.84
C SER D 268 3.26 16.13 -17.72
N ALA D 269 2.77 16.79 -16.67
CA ALA D 269 2.14 16.11 -15.54
C ALA D 269 0.75 16.67 -15.26
N GLN D 270 0.12 17.26 -16.28
CA GLN D 270 -1.16 17.93 -16.07
C GLN D 270 -2.36 17.07 -15.65
N TYR D 271 -2.31 15.77 -15.88
CA TYR D 271 -3.36 14.89 -15.41
C TYR D 271 -2.96 14.19 -14.09
N ILE D 272 -1.77 14.47 -13.60
CA ILE D 272 -1.23 13.81 -12.41
C ILE D 272 -1.56 14.57 -11.10
N THR D 273 -2.39 13.96 -10.27
CA THR D 273 -2.63 14.52 -8.91
C THR D 273 -2.85 13.38 -7.93
N GLY D 274 -2.36 13.59 -6.72
CA GLY D 274 -2.37 12.63 -5.67
C GLY D 274 -1.38 11.52 -5.82
N SER D 275 -0.39 11.67 -6.71
CA SER D 275 0.62 10.66 -6.92
C SER D 275 1.85 11.02 -6.15
N ILE D 276 2.49 10.00 -5.58
CA ILE D 276 3.80 10.16 -4.92
C ILE D 276 4.83 9.35 -5.66
N ILE D 277 5.82 10.01 -6.23
CA ILE D 277 6.84 9.32 -6.99
C ILE D 277 8.07 9.03 -6.14
N LYS D 278 8.40 7.75 -5.92
CA LYS D 278 9.65 7.36 -5.22
C LYS D 278 10.83 7.65 -6.13
N VAL D 279 11.88 8.21 -5.53
CA VAL D 279 13.12 8.48 -6.20
C VAL D 279 14.19 7.87 -5.28
N ASP D 280 14.29 6.54 -5.32
CA ASP D 280 15.00 5.80 -4.30
C ASP D 280 15.99 4.70 -4.75
N GLY D 281 16.20 4.55 -6.05
CA GLY D 281 17.12 3.49 -6.59
C GLY D 281 16.81 2.11 -6.17
N GLY D 282 15.53 1.85 -5.84
CA GLY D 282 15.10 0.52 -5.38
C GLY D 282 15.23 0.21 -3.90
N LEU D 283 15.70 1.18 -3.13
CA LEU D 283 15.97 0.95 -1.72
C LEU D 283 14.77 0.38 -0.96
N SER D 284 13.55 0.91 -1.22
CA SER D 284 12.32 0.48 -0.54
C SER D 284 11.93 -0.95 -0.89
N LEU D 285 12.53 -1.50 -1.94
CA LEU D 285 12.19 -2.85 -2.38
C LEU D 285 13.00 -3.94 -1.70
N VAL D 286 14.04 -3.55 -0.96
CA VAL D 286 15.06 -4.49 -0.47
C VAL D 286 14.60 -5.08 0.87
N HIS D 287 14.43 -6.38 0.97
CA HIS D 287 14.07 -7.00 2.26
C HIS D 287 15.20 -6.94 3.33
N ALA D 288 14.81 -7.13 4.59
CA ALA D 288 15.75 -7.21 5.69
C ALA D 288 16.81 -8.29 5.48
PA NAP E . 5.02 -25.45 1.00
O1A NAP E . 5.54 -26.42 2.05
O2A NAP E . 6.10 -24.82 0.20
O5B NAP E . 3.88 -26.00 0.07
C5B NAP E . 2.70 -26.57 0.58
C4B NAP E . 2.21 -27.62 -0.39
O4B NAP E . 1.89 -27.07 -1.65
C3B NAP E . 3.20 -28.74 -0.75
O3B NAP E . 3.23 -29.73 0.26
C2B NAP E . 2.63 -29.30 -2.04
O2B NAP E . 1.93 -30.53 -1.86
C1B NAP E . 1.70 -28.15 -2.52
N9A NAP E . 2.15 -27.93 -3.90
C8A NAP E . 3.36 -27.52 -4.35
N7A NAP E . 3.38 -27.54 -5.72
C5A NAP E . 2.15 -28.03 -6.09
C6A NAP E . 1.45 -28.36 -7.35
N6A NAP E . 2.07 -28.17 -8.53
N1A NAP E . 0.19 -28.83 -7.27
C2A NAP E . -0.45 -29.02 -6.09
N3A NAP E . 0.10 -28.77 -4.92
C4A NAP E . 1.38 -28.28 -4.88
O3 NAP E . 4.24 -24.30 1.78
PN NAP E . 4.45 -23.83 3.30
O1N NAP E . 3.69 -24.75 4.23
O2N NAP E . 5.84 -23.43 3.58
O5D NAP E . 3.63 -22.46 3.25
C5D NAP E . 2.20 -22.54 3.17
C4D NAP E . 1.66 -21.28 2.49
O4D NAP E . 2.12 -20.12 3.15
C3D NAP E . 2.11 -21.11 1.04
O3D NAP E . 1.02 -20.63 0.29
C2D NAP E . 3.25 -20.13 1.12
O2D NAP E . 3.56 -19.49 -0.11
C1D NAP E . 2.76 -19.22 2.25
N1N NAP E . 3.94 -18.60 2.84
C2N NAP E . 4.74 -19.38 3.58
C3N NAP E . 5.89 -18.83 4.13
C7N NAP E . 6.84 -19.65 4.95
O7N NAP E . 7.75 -19.05 5.51
N7N NAP E . 6.74 -20.99 5.02
C4N NAP E . 6.17 -17.49 3.86
C5N NAP E . 5.31 -16.72 3.10
C6N NAP E . 4.19 -17.29 2.60
P2B NAP E . 2.63 -32.04 -1.85
O1X NAP E . 3.14 -32.30 -3.24
O2X NAP E . 1.36 -32.78 -1.63
O3X NAP E . 3.58 -32.04 -0.72
CAK VS8 F . 11.34 -19.08 2.40
CAJ VS8 F . 9.96 -20.48 3.79
CAF VS8 F . 11.04 -20.74 4.64
CAC VS8 F . 12.28 -20.15 4.37
CAG VS8 F . 12.42 -19.31 3.26
CAN VS8 F . 9.43 -25.81 -0.20
CAO VS8 F . 10.11 -24.75 2.51
CBC VS8 F . 9.14 -24.01 1.50
CAM VS8 F . 9.75 -26.24 2.28
CAL VS8 F . 10.18 -26.67 0.88
CAP VS8 F . 9.65 -24.32 0.07
NAS VS8 F . 9.00 -22.53 1.80
C5 VS8 F . 8.18 -20.36 1.25
C4 VS8 F . 7.22 -19.62 0.61
C6 VS8 F . 8.07 -21.74 1.18
N1 VS8 F . 7.04 -22.29 0.48
CAZ VS8 F . 9.02 -19.46 1.85
C2 VS8 F . 6.15 -21.52 -0.17
NAA VS8 F . 5.17 -22.08 -0.85
N3 VS8 F . 6.23 -20.18 -0.11
CAY VS8 F . 8.59 -18.21 1.56
CAW VS8 F . 10.10 -19.68 2.64
CAE VS8 F . 9.61 -14.64 1.29
CAB VS8 F . 10.23 -14.41 2.52
CAI VS8 F . 9.08 -15.92 1.02
CAD VS8 F . 10.30 -15.46 3.46
CAH VS8 F . 9.77 -16.73 3.16
CAV VS8 F . 9.14 -16.98 1.93
NAT VS8 F . 7.48 -18.33 0.79
PA NAP G . -16.42 8.50 18.26
O1A NAP G . -17.70 8.09 18.93
O2A NAP G . -16.37 9.59 17.21
O5B NAP G . -15.41 9.00 19.40
C5B NAP G . -15.06 8.12 20.45
C4B NAP G . -14.81 8.95 21.69
O4B NAP G . -13.61 9.72 21.48
C3B NAP G . -15.87 9.97 22.12
O3B NAP G . -16.94 9.39 22.84
C2B NAP G . -15.02 10.95 22.95
O2B NAP G . -15.20 10.90 24.35
C1B NAP G . -13.55 10.59 22.56
N9A NAP G . -12.99 11.89 22.21
C8A NAP G . -13.33 12.70 21.20
N7A NAP G . -12.64 13.86 21.28
C5A NAP G . -11.85 13.79 22.35
C6A NAP G . -10.87 14.66 23.00
N6A NAP G . -10.61 15.87 22.49
N1A NAP G . -10.26 14.19 24.10
C2A NAP G . -10.51 12.97 24.61
N3A NAP G . -11.40 12.09 24.09
C4A NAP G . -12.07 12.47 22.97
O3 NAP G . -15.72 7.12 17.74
PN NAP G . -16.45 5.83 17.13
O1N NAP G . -16.90 4.95 18.26
O2N NAP G . -17.33 6.22 15.98
O5D NAP G . -15.12 5.13 16.53
C5D NAP G . -14.16 4.43 17.30
C4D NAP G . -12.78 4.58 16.68
O4D NAP G . -12.87 3.94 15.40
C3D NAP G . -12.29 5.97 16.42
O3D NAP G . -10.85 5.94 16.56
C2D NAP G . -12.67 6.18 14.96
O2D NAP G . -11.92 7.13 14.24
C1D NAP G . -12.48 4.78 14.38
N1N NAP G . -13.30 4.64 13.19
C2N NAP G . -14.64 4.64 13.31
C3N NAP G . -15.45 4.62 12.20
C7N NAP G . -16.96 4.54 12.34
O7N NAP G . -17.57 4.24 11.31
N7N NAP G . -17.60 4.79 13.51
C4N NAP G . -14.87 4.57 10.93
C5N NAP G . -13.47 4.61 10.81
C6N NAP G . -12.71 4.62 11.96
P2B NAP G . -16.44 11.60 25.18
O1X NAP G . -16.16 13.12 25.08
O2X NAP G . -16.25 10.97 26.50
O3X NAP G . -17.67 11.17 24.48
CAK VS8 H . -18.91 7.23 11.53
CAJ VS8 H . -18.50 8.61 9.62
CAF VS8 H . -19.85 8.49 9.26
CAC VS8 H . -20.74 7.76 10.05
CAG VS8 H . -20.28 7.12 11.21
CAN VS8 H . -19.05 11.45 16.46
CAO VS8 H . -20.24 9.14 15.04
CBC VS8 H . -18.69 9.46 14.99
CAM VS8 H . -20.71 9.63 16.41
CAL VS8 H . -20.56 11.13 16.54
CAP VS8 H . -18.53 10.99 15.09
NAS VS8 H . -18.05 8.97 13.73
C5 VS8 H . -16.19 8.40 12.40
C4 VS8 H . -14.81 8.28 12.35
C6 VS8 H . -16.72 8.83 13.58
N1 VS8 H . -15.91 9.08 14.63
CAZ VS8 H . -16.66 8.05 11.16
C2 VS8 H . -14.57 9.00 14.57
NAA VS8 H . -13.82 9.30 15.63
N3 VS8 H . -14.02 8.58 13.39
CAY VS8 H . -15.58 7.69 10.39
CAW VS8 H . -17.99 7.99 10.78
CAE VS8 H . -14.30 7.60 6.95
CAB VS8 H . -15.29 6.88 6.28
CAI VS8 H . -14.45 7.84 8.31
CAD VS8 H . -16.40 6.41 6.99
CAH VS8 H . -16.54 6.65 8.37
CAV VS8 H . -15.54 7.34 9.07
NAT VS8 H . -14.45 7.86 11.13
PA NAP I . -6.29 -1.57 -25.23
O1A NAP I . -6.63 -0.66 -26.39
O2A NAP I . -7.31 -2.30 -24.44
O5B NAP I . -5.21 -2.66 -25.70
C5B NAP I . -3.97 -2.29 -26.24
C4B NAP I . -3.61 -3.35 -27.26
O4B NAP I . -3.40 -4.59 -26.58
C3B NAP I . -4.68 -3.73 -28.27
O3B NAP I . -4.80 -2.79 -29.33
C2B NAP I . -4.21 -5.10 -28.76
O2B NAP I . -3.57 -5.07 -30.03
C1B NAP I . -3.25 -5.54 -27.61
N9A NAP I . -3.68 -6.87 -27.24
C8A NAP I . -4.81 -7.23 -26.65
N7A NAP I . -4.88 -8.55 -26.55
C5A NAP I . -3.71 -9.04 -27.04
C6A NAP I . -3.13 -10.35 -27.28
N6A NAP I . -3.80 -11.43 -26.91
N1A NAP I . -1.93 -10.44 -27.82
C2A NAP I . -1.24 -9.33 -28.19
N3A NAP I . -1.71 -8.09 -28.03
C4A NAP I . -2.94 -7.92 -27.51
O3 NAP I . -5.45 -0.71 -24.19
PN NAP I . -5.55 0.85 -23.83
O1N NAP I . -4.74 1.57 -24.89
O2N NAP I . -6.90 1.24 -23.35
O5D NAP I . -4.59 0.87 -22.49
C5D NAP I . -3.16 0.81 -22.59
C4D NAP I . -2.54 0.14 -21.37
O4D NAP I . -2.88 0.93 -20.22
C3D NAP I . -3.06 -1.27 -21.08
O3D NAP I . -2.02 -2.02 -20.48
C2D NAP I . -4.21 -1.06 -20.13
O2D NAP I . -4.49 -2.19 -19.30
C1D NAP I . -3.65 0.13 -19.34
N1N NAP I . -4.77 0.88 -18.75
C2N NAP I . -5.61 1.55 -19.52
C3N NAP I . -6.69 2.22 -18.95
C7N NAP I . -7.62 3.04 -19.82
O7N NAP I . -8.43 3.77 -19.25
N7N NAP I . -7.57 2.92 -21.16
C4N NAP I . -6.90 2.15 -17.59
C5N NAP I . -6.02 1.40 -16.82
C6N NAP I . -4.97 0.78 -17.42
P2B NAP I . -4.37 -5.24 -31.48
O1X NAP I . -3.17 -5.08 -32.36
O2X NAP I . -5.22 -4.00 -31.49
O3X NAP I . -5.01 -6.57 -31.55
CAK VS8 J . -12.22 0.81 -18.87
CAJ VS8 J . -10.87 1.86 -20.55
CAF VS8 J . -11.92 2.75 -20.88
CAC VS8 J . -13.13 2.64 -20.18
CAG VS8 J . -13.26 1.68 -19.17
CAN VS8 J . -10.52 -2.58 -25.45
CAO VS8 J . -10.99 0.17 -24.57
CBC VS8 J . -10.04 -0.76 -23.80
CAM VS8 J . -10.93 -0.22 -26.03
CAL VS8 J . -11.51 -1.63 -26.20
CAP VS8 J . -10.53 -2.22 -24.00
NAS VS8 J . -10.00 -0.36 -22.36
C5 VS8 J . -9.14 -0.64 -20.14
C4 VS8 J . -8.17 -1.27 -19.37
C6 VS8 J . -9.08 -0.86 -21.48
N1 VS8 J . -8.14 -1.66 -21.99
CAZ VS8 J . -9.94 0.06 -19.26
C2 VS8 J . -7.20 -2.26 -21.24
NAA VS8 J . -6.30 -3.05 -21.81
N3 VS8 J . -7.23 -2.07 -19.90
CAY VS8 J . -9.42 -0.11 -17.99
CAW VS8 J . -11.01 0.88 -19.56
CAE VS8 J . -10.07 -0.19 -14.32
CAB VS8 J . -10.78 0.99 -14.09
CAI VS8 J . -9.67 -0.50 -15.62
CAD VS8 J . -11.01 1.83 -15.19
CAH VS8 J . -10.58 1.50 -16.49
CAV VS8 J . -9.87 0.33 -16.74
NAT VS8 J . -8.33 -0.93 -18.10
PA NAP K . 17.15 18.59 5.73
O1A NAP K . 18.50 19.16 5.29
O2A NAP K . 17.09 17.67 6.87
O5B NAP K . 16.11 19.78 5.98
C5B NAP K . 15.95 20.83 5.06
C4B NAP K . 15.64 22.12 5.82
O4B NAP K . 14.46 22.02 6.66
C3B NAP K . 16.73 22.62 6.78
O3B NAP K . 17.82 23.21 6.04
C2B NAP K . 15.95 23.62 7.65
O2B NAP K . 16.17 25.02 7.36
C1B NAP K . 14.44 23.23 7.40
N9A NAP K . 13.84 23.09 8.73
C8A NAP K . 14.16 22.19 9.66
N7A NAP K . 13.48 22.45 10.78
C5A NAP K . 12.74 23.52 10.58
C6A NAP K . 11.81 24.35 11.38
N6A NAP K . 11.46 24.08 12.66
N1A NAP K . 11.25 25.38 10.75
C2A NAP K . 11.55 25.73 9.48
N3A NAP K . 12.39 25.04 8.70
C4A NAP K . 13.00 23.97 9.22
O3 NAP K . 16.40 18.02 4.43
PN NAP K . 17.04 17.21 3.21
O1N NAP K . 17.46 18.30 2.24
O2N NAP K . 17.98 16.17 3.71
O5D NAP K . 15.70 16.53 2.64
C5D NAP K . 14.76 17.33 1.94
C4D NAP K . 13.34 16.77 2.09
O4D NAP K . 13.32 15.42 1.59
C3D NAP K . 12.86 16.60 3.54
O3D NAP K . 11.45 16.81 3.62
C2D NAP K . 13.12 15.17 3.90
O2D NAP K . 12.32 14.71 5.00
C1D NAP K . 12.93 14.47 2.58
N1N NAP K . 13.70 13.23 2.57
C2N NAP K . 15.07 13.30 2.53
C3N NAP K . 15.84 12.20 2.58
C7N NAP K . 17.35 12.31 2.49
O7N NAP K . 18.05 11.21 2.45
N7N NAP K . 17.91 13.41 2.47
C4N NAP K . 15.24 10.95 2.69
C5N NAP K . 13.85 10.87 2.78
C6N NAP K . 13.11 12.04 2.73
P2B NAP K . 17.42 25.94 7.90
O1X NAP K . 17.20 26.05 9.37
O2X NAP K . 17.12 27.20 7.11
O3X NAP K . 18.65 25.14 7.51
CAK VS8 L . 18.97 9.91 6.65
CAJ VS8 L . 19.40 11.70 5.13
CAF VS8 L . 20.74 11.30 4.98
CAC VS8 L . 21.18 10.17 5.66
CAG VS8 L . 20.28 9.48 6.49
CAN VS8 L . 19.63 17.14 8.80
CAO VS8 L . 20.88 15.37 6.80
CBC VS8 L . 19.33 15.44 7.05
CAM VS8 L . 21.51 16.71 7.18
CAL VS8 L . 21.15 17.16 8.59
CAP VS8 L . 19.11 15.72 8.53
NAS VS8 L . 18.70 14.15 6.64
C5 VS8 L . 16.76 12.77 6.28
C4 VS8 L . 15.37 12.71 6.25
C6 VS8 L . 17.34 14.00 6.54
N1 VS8 L . 16.55 15.09 6.71
CAZ VS8 L . 17.20 11.48 6.07
C2 VS8 L . 15.20 15.01 6.71
NAA VS8 L . 14.52 16.13 6.91
N3 VS8 L . 14.61 13.81 6.46
CAY VS8 L . 16.09 10.68 5.86
CAW VS8 L . 18.50 11.05 5.98
CAE VS8 L . 16.86 7.19 4.76
CAB VS8 L . 15.77 6.50 5.33
CAI VS8 L . 16.96 8.58 4.91
CAD VS8 L . 14.82 7.21 6.06
CAH VS8 L . 14.95 8.60 6.20
CAV VS8 L . 16.01 9.32 5.63
NAT VS8 L . 14.98 11.46 6.01
#